data_1TPL
#
_entry.id   1TPL
#
_cell.length_a   76.020
_cell.length_b   138.270
_cell.length_c   93.540
_cell.angle_alpha   90.00
_cell.angle_beta   90.00
_cell.angle_gamma   90.00
#
_symmetry.space_group_name_H-M   'P 21 21 2'
#
loop_
_entity.id
_entity.type
_entity.pdbx_description
1 polymer 'TYROSINE PHENOL-LYASE'
2 non-polymer 'SULFATE ION'
3 water water
#
_entity_poly.entity_id   1
_entity_poly.type   'polypeptide(L)'
_entity_poly.pdbx_seq_one_letter_code
;MNYPAEPFRIKSVETVSMIPRDERLKKMQEAGYNTFLLNSKDIYIDLLTDSGTNAMSDKQWAGMMMGDEAYAGSENFYHL
ERTVQELFGFKHIVPTHQGRGAENLLSQLAIKPGQYVAGNMYFTTTRYHQEKNGAVFVDIVRDEAHDAGLNIAFKGDIDL
KKLQKLIDEKGAENIAYICLAVTVNLAGGQPVSMANMRAVRELTAAHGIKVFYDATRCVENAYFIKEQEQGFENKSIAEI
VHEMFSYADGCTMSGKKDCLVNIGGFLCMNDDEMFSSAKELVVVYEGMPSYGGLAGRDMEAMAIGLREAMQYEYIEHRVK
QVRYLGDKLKAAGVPIVEPVGGHAVFLDARRFCEHLTQDEFPAQSLAASIYVETGVRSMERGIISAGRNNVTGEHHRPKL
ETVRLTIPRRVYTYAHMDVVADGIIKLYQHKEDIRGLKFIYEPKQLRFFTARFDYI
;
_entity_poly.pdbx_strand_id   A,B
#
loop_
_chem_comp.id
_chem_comp.type
_chem_comp.name
_chem_comp.formula
SO4 non-polymer 'SULFATE ION' 'O4 S -2'
#
# COMPACT_ATOMS: atom_id res chain seq x y z
N MET A 1 -6.14 17.61 -5.66
CA MET A 1 -5.44 18.89 -5.34
C MET A 1 -4.13 18.96 -6.13
N ASN A 2 -3.08 19.30 -5.41
CA ASN A 2 -1.72 19.39 -6.00
C ASN A 2 -1.11 17.99 -5.92
N TYR A 3 -1.66 17.15 -5.03
CA TYR A 3 -1.14 15.81 -4.77
C TYR A 3 -2.10 14.69 -5.09
N PRO A 4 -1.77 13.97 -6.15
CA PRO A 4 -2.60 12.85 -6.62
C PRO A 4 -2.57 11.69 -5.65
N ALA A 5 -3.67 11.03 -5.44
CA ALA A 5 -3.83 9.83 -4.61
C ALA A 5 -3.02 8.72 -5.32
N GLU A 6 -2.62 7.68 -4.67
CA GLU A 6 -1.85 6.60 -5.32
C GLU A 6 -2.60 5.95 -6.47
N PRO A 7 -2.00 5.81 -7.65
CA PRO A 7 -2.62 5.20 -8.81
C PRO A 7 -2.59 3.67 -8.78
N PHE A 8 -2.92 3.07 -7.65
CA PHE A 8 -2.90 1.63 -7.36
C PHE A 8 -3.58 1.38 -6.03
N ARG A 9 -3.82 0.13 -5.73
CA ARG A 9 -4.38 -0.36 -4.45
C ARG A 9 -3.24 -1.11 -3.72
N ILE A 10 -3.31 -1.38 -2.44
CA ILE A 10 -2.26 -2.16 -1.75
C ILE A 10 -2.57 -3.64 -2.00
N LYS A 11 -1.63 -4.47 -2.44
CA LYS A 11 -1.99 -5.90 -2.61
C LYS A 11 -1.54 -6.65 -1.35
N SER A 12 -0.37 -6.28 -0.83
CA SER A 12 0.12 -6.93 0.40
C SER A 12 0.96 -5.91 1.16
N VAL A 13 1.02 -6.10 2.46
CA VAL A 13 1.78 -5.27 3.40
C VAL A 13 2.90 -6.05 4.09
N GLU A 14 3.78 -5.21 4.57
CA GLU A 14 4.96 -5.59 5.42
C GLU A 14 4.63 -4.97 6.78
N THR A 15 4.32 -5.75 7.78
CA THR A 15 3.91 -5.21 9.10
C THR A 15 5.15 -4.63 9.76
N VAL A 16 4.98 -3.72 10.70
CA VAL A 16 6.07 -3.09 11.46
C VAL A 16 5.84 -3.27 12.97
N SER A 17 6.94 -3.18 13.71
CA SER A 17 6.91 -3.33 15.18
C SER A 17 6.20 -2.14 15.82
N MET A 18 6.51 -0.93 15.45
CA MET A 18 5.88 0.31 15.96
C MET A 18 6.43 0.53 17.39
N ILE A 19 7.72 0.39 17.56
CA ILE A 19 8.36 0.57 18.87
C ILE A 19 8.36 2.06 19.25
N PRO A 20 8.15 2.28 20.54
CA PRO A 20 8.06 3.61 21.12
C PRO A 20 9.44 4.19 21.23
N ARG A 21 9.36 5.46 21.56
CA ARG A 21 10.49 6.35 21.72
C ARG A 21 11.54 5.81 22.67
N ASP A 22 11.12 5.51 23.89
CA ASP A 22 12.11 4.99 24.87
C ASP A 22 12.84 3.81 24.23
N GLU A 23 12.13 2.92 23.54
CA GLU A 23 12.74 1.77 22.87
C GLU A 23 13.61 2.19 21.71
N ARG A 24 13.14 3.17 20.95
CA ARG A 24 13.94 3.69 19.83
C ARG A 24 15.26 4.29 20.34
N LEU A 25 15.19 4.92 21.51
CA LEU A 25 16.43 5.52 22.08
C LEU A 25 17.47 4.45 22.37
N LYS A 26 17.01 3.39 23.03
CA LYS A 26 17.88 2.25 23.34
C LYS A 26 18.60 1.76 22.08
N LYS A 27 17.77 1.45 21.07
CA LYS A 27 18.27 0.97 19.78
C LYS A 27 19.26 1.92 19.18
N MET A 28 18.90 3.20 19.34
CA MET A 28 19.79 4.25 18.77
C MET A 28 21.12 4.20 19.52
N GLN A 29 21.03 4.04 20.84
CA GLN A 29 22.24 3.95 21.68
C GLN A 29 23.12 2.81 21.14
N GLU A 30 22.51 1.62 21.13
CA GLU A 30 23.20 0.40 20.68
C GLU A 30 23.78 0.42 19.29
N ALA A 31 23.23 1.27 18.44
CA ALA A 31 23.71 1.45 17.05
C ALA A 31 24.86 2.44 17.10
N GLY A 32 25.04 3.04 18.27
CA GLY A 32 26.08 4.02 18.57
C GLY A 32 25.83 5.32 17.84
N TYR A 33 24.57 5.75 17.83
CA TYR A 33 24.07 6.97 17.18
C TYR A 33 24.31 7.11 15.69
N ASN A 34 24.59 5.99 15.03
CA ASN A 34 24.89 5.84 13.62
C ASN A 34 23.68 5.10 12.98
N THR A 35 22.84 5.83 12.28
CA THR A 35 21.62 5.33 11.64
C THR A 35 21.86 4.19 10.68
N PHE A 36 23.01 4.19 10.03
CA PHE A 36 23.45 3.17 9.12
C PHE A 36 23.69 1.84 9.86
N LEU A 37 23.78 1.78 11.17
CA LEU A 37 23.96 0.53 11.91
C LEU A 37 22.68 0.08 12.59
N LEU A 38 21.55 0.66 12.25
CA LEU A 38 20.21 0.32 12.77
C LEU A 38 19.71 -0.92 11.99
N ASN A 39 19.01 -1.78 12.71
CA ASN A 39 18.44 -2.98 12.11
C ASN A 39 17.14 -2.51 11.43
N SER A 40 16.88 -3.15 10.33
CA SER A 40 15.68 -2.96 9.50
C SER A 40 14.42 -3.20 10.30
N LYS A 41 14.40 -4.23 11.17
CA LYS A 41 13.21 -4.55 11.95
C LYS A 41 12.85 -3.46 12.96
N ASP A 42 13.75 -2.52 13.23
CA ASP A 42 13.50 -1.46 14.21
C ASP A 42 13.06 -0.12 13.59
N ILE A 43 13.02 -0.02 12.28
CA ILE A 43 12.64 1.18 11.56
C ILE A 43 11.21 1.11 11.04
N TYR A 44 10.50 2.20 11.21
CA TYR A 44 9.12 2.36 10.72
C TYR A 44 9.19 2.77 9.24
N ILE A 45 9.89 3.84 8.92
CA ILE A 45 10.02 4.41 7.58
C ILE A 45 11.48 4.49 7.21
N ASP A 46 11.90 3.77 6.21
CA ASP A 46 13.34 3.72 5.87
C ASP A 46 13.58 4.52 4.62
N LEU A 47 14.14 5.71 4.85
CA LEU A 47 14.45 6.59 3.72
C LEU A 47 15.94 6.64 3.45
N LEU A 48 16.67 5.57 3.73
CA LEU A 48 18.12 5.53 3.47
C LEU A 48 18.46 5.69 2.01
N THR A 49 17.72 5.04 1.14
CA THR A 49 17.96 5.10 -0.30
C THR A 49 16.73 4.81 -1.15
N ASP A 50 16.78 5.21 -2.40
CA ASP A 50 15.71 4.95 -3.39
C ASP A 50 16.12 3.75 -4.27
N SER A 51 17.20 3.07 -3.92
CA SER A 51 17.77 1.94 -4.60
C SER A 51 17.40 0.58 -4.01
N GLY A 52 16.71 -0.23 -4.81
CA GLY A 52 16.28 -1.57 -4.55
C GLY A 52 15.23 -1.88 -3.52
N THR A 53 14.41 -0.95 -3.08
CA THR A 53 13.40 -1.31 -2.08
C THR A 53 12.00 -1.00 -2.53
N ASN A 54 11.88 -0.94 -3.84
CA ASN A 54 10.63 -0.72 -4.55
C ASN A 54 9.64 -1.84 -4.21
N ALA A 55 8.37 -1.56 -4.20
CA ALA A 55 7.26 -2.48 -4.05
C ALA A 55 6.91 -2.83 -5.53
N MET A 56 6.89 -4.13 -5.77
CA MET A 56 6.59 -4.76 -7.05
C MET A 56 5.06 -4.94 -7.16
N SER A 57 4.54 -5.14 -8.37
CA SER A 57 3.10 -5.33 -8.47
C SER A 57 2.79 -6.82 -8.34
N ASP A 58 1.51 -7.16 -8.35
CA ASP A 58 1.10 -8.56 -8.31
C ASP A 58 1.46 -9.23 -9.64
N LYS A 59 1.57 -8.51 -10.72
CA LYS A 59 1.94 -8.87 -12.06
C LYS A 59 3.40 -9.30 -12.10
N GLN A 60 4.27 -8.58 -11.45
CA GLN A 60 5.67 -8.84 -11.26
C GLN A 60 5.87 -10.09 -10.37
N TRP A 61 5.08 -10.22 -9.34
CA TRP A 61 5.09 -11.33 -8.43
C TRP A 61 4.61 -12.58 -9.20
N ALA A 62 3.60 -12.52 -10.02
CA ALA A 62 3.19 -13.67 -10.85
C ALA A 62 4.36 -14.07 -11.76
N GLY A 63 5.09 -13.10 -12.29
CA GLY A 63 6.27 -13.24 -13.12
C GLY A 63 7.43 -13.86 -12.38
N MET A 64 7.57 -13.62 -11.09
CA MET A 64 8.62 -14.25 -10.27
C MET A 64 8.32 -15.76 -10.12
N MET A 65 7.10 -16.26 -10.29
CA MET A 65 6.66 -17.61 -10.17
C MET A 65 6.93 -18.46 -11.42
N MET A 66 7.24 -17.81 -12.50
CA MET A 66 7.54 -18.28 -13.83
C MET A 66 8.97 -18.11 -14.32
N GLY A 67 9.93 -18.11 -13.42
CA GLY A 67 11.35 -18.01 -13.75
C GLY A 67 11.73 -19.27 -14.56
N ASP A 68 12.31 -19.04 -15.71
CA ASP A 68 12.80 -20.07 -16.63
C ASP A 68 14.30 -20.00 -16.29
N GLU A 69 14.73 -20.93 -15.43
CA GLU A 69 16.12 -20.86 -15.00
C GLU A 69 17.17 -21.50 -15.86
N ALA A 70 16.97 -21.63 -17.17
CA ALA A 70 17.98 -22.21 -18.08
C ALA A 70 19.21 -21.31 -18.03
N TYR A 71 20.37 -21.89 -18.23
CA TYR A 71 21.62 -21.16 -18.28
C TYR A 71 21.63 -20.30 -19.54
N ALA A 72 20.98 -20.83 -20.57
CA ALA A 72 20.84 -20.25 -21.89
C ALA A 72 19.48 -20.50 -22.51
N GLY A 73 19.01 -19.53 -23.29
CA GLY A 73 17.72 -19.64 -24.00
C GLY A 73 16.52 -19.43 -23.11
N SER A 74 16.74 -18.87 -21.93
CA SER A 74 15.65 -18.57 -21.01
C SER A 74 14.60 -17.70 -21.67
N GLU A 75 13.35 -18.11 -21.51
CA GLU A 75 12.24 -17.32 -22.08
C GLU A 75 12.15 -15.99 -21.35
N ASN A 76 12.53 -15.83 -20.09
CA ASN A 76 12.47 -14.56 -19.39
C ASN A 76 13.38 -13.55 -20.09
N PHE A 77 14.50 -14.02 -20.64
CA PHE A 77 15.46 -13.13 -21.29
C PHE A 77 14.90 -12.57 -22.59
N TYR A 78 14.11 -13.34 -23.27
CA TYR A 78 13.50 -12.90 -24.53
C TYR A 78 12.51 -11.82 -24.13
N HIS A 79 11.76 -12.09 -23.08
CA HIS A 79 10.76 -11.13 -22.55
C HIS A 79 11.36 -9.75 -22.39
N LEU A 80 12.44 -9.69 -21.64
CA LEU A 80 13.18 -8.48 -21.35
C LEU A 80 13.78 -7.84 -22.61
N GLU A 81 14.40 -8.69 -23.42
CA GLU A 81 15.02 -8.30 -24.68
C GLU A 81 13.95 -7.59 -25.51
N ARG A 82 12.83 -8.16 -25.78
CA ARG A 82 11.70 -7.59 -26.49
C ARG A 82 11.17 -6.29 -25.87
N THR A 83 11.03 -6.26 -24.55
CA THR A 83 10.56 -5.05 -23.85
C THR A 83 11.52 -3.89 -24.05
N VAL A 84 12.79 -4.02 -23.84
CA VAL A 84 13.79 -2.97 -24.02
C VAL A 84 13.87 -2.49 -25.46
N GLN A 85 13.74 -3.41 -26.36
CA GLN A 85 13.83 -3.10 -27.79
C GLN A 85 12.69 -2.17 -28.15
N GLU A 86 11.53 -2.54 -27.69
CA GLU A 86 10.30 -1.81 -27.96
C GLU A 86 10.22 -0.44 -27.32
N LEU A 87 10.61 -0.35 -26.04
CA LEU A 87 10.53 0.90 -25.29
C LEU A 87 11.72 1.83 -25.46
N PHE A 88 12.93 1.29 -25.42
CA PHE A 88 14.14 2.07 -25.54
C PHE A 88 14.63 2.11 -26.98
N GLY A 89 14.20 1.24 -27.85
CA GLY A 89 14.58 1.22 -29.24
C GLY A 89 16.01 0.79 -29.50
N PHE A 90 16.70 0.20 -28.57
CA PHE A 90 18.06 -0.32 -28.68
C PHE A 90 17.96 -1.78 -29.15
N LYS A 91 18.88 -2.03 -30.02
CA LYS A 91 19.05 -3.30 -30.73
C LYS A 91 19.38 -4.50 -29.85
N HIS A 92 20.46 -4.40 -29.12
CA HIS A 92 21.08 -5.39 -28.25
C HIS A 92 21.04 -5.00 -26.78
N ILE A 93 20.93 -6.03 -25.97
CA ILE A 93 20.90 -5.84 -24.50
C ILE A 93 21.74 -6.92 -23.82
N VAL A 94 22.54 -6.50 -22.90
CA VAL A 94 23.39 -7.43 -22.11
C VAL A 94 22.93 -7.23 -20.68
N PRO A 95 22.18 -8.18 -20.11
CA PRO A 95 21.67 -8.06 -18.74
C PRO A 95 22.76 -8.30 -17.71
N THR A 96 22.71 -7.56 -16.63
CA THR A 96 23.66 -7.63 -15.49
C THR A 96 22.82 -7.70 -14.20
N HIS A 97 23.42 -8.03 -13.08
CA HIS A 97 22.68 -8.13 -11.79
C HIS A 97 22.61 -6.78 -11.09
N GLN A 98 23.52 -5.91 -11.53
CA GLN A 98 23.71 -4.55 -11.02
C GLN A 98 24.02 -3.57 -12.17
N GLY A 99 23.70 -2.30 -11.98
CA GLY A 99 23.94 -1.22 -12.96
C GLY A 99 25.43 -1.00 -13.13
N ARG A 100 26.11 -1.06 -11.98
CA ARG A 100 27.56 -0.95 -11.79
C ARG A 100 28.23 -1.93 -12.75
N GLY A 101 27.61 -3.10 -12.80
CA GLY A 101 28.04 -4.18 -13.68
C GLY A 101 28.06 -3.72 -15.14
N ALA A 102 26.94 -3.19 -15.59
CA ALA A 102 26.73 -2.67 -16.94
C ALA A 102 27.76 -1.56 -17.19
N GLU A 103 27.91 -0.75 -16.15
CA GLU A 103 28.87 0.36 -16.23
C GLU A 103 30.25 -0.17 -16.52
N ASN A 104 30.72 -1.18 -15.82
CA ASN A 104 32.04 -1.78 -16.04
C ASN A 104 32.34 -2.26 -17.45
N LEU A 105 31.43 -2.98 -18.09
CA LEU A 105 31.70 -3.51 -19.42
C LEU A 105 31.92 -2.37 -20.41
N LEU A 106 30.97 -1.46 -20.40
CA LEU A 106 31.00 -0.29 -21.29
C LEU A 106 32.37 0.38 -21.24
N SER A 107 32.81 0.66 -20.03
CA SER A 107 34.11 1.32 -19.83
C SER A 107 35.23 0.54 -20.52
N GLN A 108 35.20 -0.74 -20.24
CA GLN A 108 36.17 -1.70 -20.75
C GLN A 108 36.14 -1.74 -22.27
N LEU A 109 34.91 -1.82 -22.72
CA LEU A 109 34.48 -1.88 -24.08
C LEU A 109 34.68 -0.60 -24.90
N ALA A 110 34.56 0.55 -24.26
CA ALA A 110 34.64 1.82 -25.00
C ALA A 110 35.71 2.83 -24.63
N ILE A 111 36.60 2.54 -23.69
CA ILE A 111 37.65 3.48 -23.34
C ILE A 111 39.06 2.91 -23.52
N LYS A 112 39.78 3.64 -24.34
CA LYS A 112 41.22 3.34 -24.58
C LYS A 112 41.87 4.28 -23.55
N PRO A 113 42.94 3.78 -22.96
CA PRO A 113 43.67 4.57 -21.95
C PRO A 113 44.16 5.89 -22.54
N GLY A 114 43.91 6.95 -21.77
CA GLY A 114 44.27 8.32 -22.12
C GLY A 114 43.24 9.02 -23.02
N GLN A 115 42.09 8.40 -23.17
CA GLN A 115 40.97 8.95 -23.94
C GLN A 115 40.14 9.72 -22.90
N TYR A 116 39.22 10.49 -23.43
CA TYR A 116 38.34 11.27 -22.56
C TYR A 116 36.90 10.78 -22.64
N VAL A 117 36.30 11.00 -21.48
CA VAL A 117 34.86 10.70 -21.31
C VAL A 117 34.37 12.02 -20.66
N ALA A 118 33.26 12.53 -21.18
CA ALA A 118 32.77 13.82 -20.63
C ALA A 118 31.29 13.61 -20.41
N GLY A 119 30.76 14.35 -19.47
CA GLY A 119 29.29 14.14 -19.24
C GLY A 119 28.85 15.16 -18.22
N ASN A 120 27.60 15.05 -17.84
CA ASN A 120 26.96 15.94 -16.88
C ASN A 120 27.02 15.42 -15.45
N MET A 121 27.49 14.24 -15.32
CA MET A 121 27.70 13.40 -14.16
C MET A 121 28.98 13.62 -13.40
N TYR A 122 29.12 14.61 -12.57
CA TYR A 122 30.37 14.87 -11.82
C TYR A 122 30.89 13.57 -11.19
N LYS A 132 38.57 7.41 -13.06
CA LYS A 132 39.85 8.10 -13.31
C LYS A 132 40.85 7.15 -13.97
N ASN A 133 40.41 5.90 -14.10
CA ASN A 133 41.22 4.82 -14.69
C ASN A 133 41.16 4.77 -16.22
N GLY A 134 42.35 5.07 -16.75
CA GLY A 134 42.67 5.16 -18.17
C GLY A 134 42.37 6.59 -18.63
N ALA A 135 41.11 6.94 -18.47
CA ALA A 135 40.36 8.12 -18.76
C ALA A 135 40.40 9.23 -17.72
N VAL A 136 40.09 10.38 -18.29
CA VAL A 136 39.98 11.65 -17.57
C VAL A 136 38.50 12.01 -17.83
N PHE A 137 37.86 12.38 -16.75
CA PHE A 137 36.43 12.78 -16.87
C PHE A 137 36.46 14.33 -16.90
N VAL A 138 35.71 14.84 -17.87
CA VAL A 138 35.56 16.27 -18.06
C VAL A 138 34.05 16.51 -17.80
N ASP A 139 33.81 17.20 -16.71
CA ASP A 139 32.43 17.55 -16.30
C ASP A 139 31.96 18.60 -17.32
N ILE A 140 31.01 18.29 -18.19
CA ILE A 140 30.56 19.28 -19.19
C ILE A 140 29.18 19.84 -18.89
N VAL A 141 28.75 19.75 -17.64
CA VAL A 141 27.40 20.29 -17.32
C VAL A 141 27.40 21.82 -17.46
N ARG A 142 26.20 22.35 -17.68
CA ARG A 142 26.03 23.82 -17.79
C ARG A 142 26.30 24.34 -16.37
N ASP A 143 27.03 25.41 -16.25
CA ASP A 143 27.41 25.97 -14.96
C ASP A 143 26.36 26.30 -13.93
N GLU A 144 25.06 26.44 -14.18
CA GLU A 144 24.17 26.72 -13.05
C GLU A 144 23.41 25.46 -12.62
N ALA A 145 24.09 24.37 -12.88
CA ALA A 145 23.76 23.00 -12.57
C ALA A 145 24.36 22.74 -11.16
N HIS A 146 25.52 23.39 -11.04
CA HIS A 146 26.40 23.45 -9.88
C HIS A 146 25.74 24.11 -8.66
N ASP A 147 24.78 24.97 -8.91
CA ASP A 147 23.95 25.80 -8.07
C ASP A 147 22.87 25.15 -7.19
N ALA A 148 22.62 25.84 -6.06
CA ALA A 148 21.61 25.53 -5.04
C ALA A 148 20.72 26.78 -4.90
N GLY A 149 19.52 26.62 -4.36
CA GLY A 149 18.52 27.65 -4.15
C GLY A 149 17.72 28.16 -5.35
N LEU A 150 18.44 28.45 -6.41
CA LEU A 150 18.06 28.97 -7.71
C LEU A 150 17.55 27.86 -8.63
N ASN A 151 16.73 28.33 -9.56
CA ASN A 151 16.01 27.58 -10.56
C ASN A 151 16.11 27.94 -12.06
N ILE A 152 16.70 26.99 -12.76
CA ILE A 152 16.90 26.84 -14.20
C ILE A 152 16.26 25.43 -14.34
N ALA A 153 15.23 25.34 -15.14
CA ALA A 153 14.46 24.09 -15.26
C ALA A 153 15.26 22.80 -15.41
N PHE A 154 15.94 22.65 -16.53
CA PHE A 154 16.72 21.46 -16.82
C PHE A 154 18.19 21.69 -16.54
N LYS A 155 18.41 21.70 -15.25
CA LYS A 155 19.70 21.91 -14.63
C LYS A 155 20.75 20.92 -15.04
N GLY A 156 20.49 19.72 -15.55
CA GLY A 156 21.56 18.80 -15.93
C GLY A 156 22.00 18.83 -17.37
N ASP A 157 21.51 19.79 -18.14
CA ASP A 157 21.82 19.95 -19.57
C ASP A 157 23.32 20.19 -19.72
N ILE A 158 23.86 19.64 -20.79
CA ILE A 158 25.29 19.76 -21.10
C ILE A 158 25.52 21.13 -21.77
N ASP A 159 26.61 21.76 -21.44
CA ASP A 159 26.97 23.07 -22.02
C ASP A 159 27.61 22.80 -23.38
N LEU A 160 26.92 23.04 -24.48
CA LEU A 160 27.38 22.84 -25.86
C LEU A 160 28.67 23.57 -26.22
N LYS A 161 28.92 24.76 -25.67
CA LYS A 161 30.15 25.52 -25.93
C LYS A 161 31.36 24.75 -25.38
N LYS A 162 31.24 24.26 -24.15
CA LYS A 162 32.23 23.45 -23.45
C LYS A 162 32.45 22.10 -24.15
N LEU A 163 31.40 21.50 -24.70
CA LEU A 163 31.54 20.22 -25.40
C LEU A 163 32.34 20.48 -26.68
N GLN A 164 31.88 21.51 -27.40
CA GLN A 164 32.53 21.95 -28.64
C GLN A 164 34.00 22.27 -28.37
N LYS A 165 34.27 23.00 -27.30
CA LYS A 165 35.64 23.37 -26.89
C LYS A 165 36.51 22.15 -26.65
N LEU A 166 36.02 21.19 -25.86
CA LEU A 166 36.74 19.96 -25.56
C LEU A 166 37.13 19.25 -26.85
N ILE A 167 36.15 19.14 -27.72
CA ILE A 167 36.30 18.52 -29.03
C ILE A 167 37.42 19.19 -29.83
N ASP A 168 37.39 20.51 -29.77
CA ASP A 168 38.34 21.39 -30.45
C ASP A 168 39.78 21.16 -29.98
N GLU A 169 40.02 21.27 -28.68
CA GLU A 169 41.36 21.13 -28.14
C GLU A 169 41.86 19.75 -27.79
N LYS A 170 41.01 18.73 -27.74
CA LYS A 170 41.58 17.41 -27.43
C LYS A 170 41.49 16.51 -28.63
N GLY A 171 40.56 16.80 -29.52
CA GLY A 171 40.38 16.01 -30.76
C GLY A 171 39.28 14.98 -30.49
N ALA A 172 38.46 14.75 -31.49
CA ALA A 172 37.32 13.83 -31.44
C ALA A 172 37.74 12.39 -31.20
N GLU A 173 38.94 12.08 -31.65
CA GLU A 173 39.65 10.81 -31.62
C GLU A 173 40.08 10.37 -30.21
N ASN A 174 40.26 11.38 -29.39
CA ASN A 174 40.66 11.24 -27.99
C ASN A 174 39.45 11.30 -27.04
N ILE A 175 38.24 11.28 -27.62
CA ILE A 175 37.07 11.30 -26.74
C ILE A 175 36.44 9.92 -26.89
N ALA A 176 36.46 9.23 -25.76
CA ALA A 176 35.91 7.86 -25.69
C ALA A 176 34.42 7.92 -26.05
N TYR A 177 33.74 8.76 -25.29
CA TYR A 177 32.31 9.00 -25.48
C TYR A 177 31.85 10.10 -24.53
N ILE A 178 30.64 10.57 -24.76
CA ILE A 178 29.94 11.55 -23.93
C ILE A 178 28.95 10.68 -23.10
N CYS A 179 28.96 10.95 -21.81
CA CYS A 179 28.03 10.21 -20.94
C CYS A 179 27.05 11.24 -20.37
N LEU A 180 25.79 10.98 -20.68
CA LEU A 180 24.67 11.82 -20.23
C LEU A 180 23.79 10.99 -19.30
N ALA A 181 23.70 11.44 -18.06
CA ALA A 181 22.84 10.78 -17.07
C ALA A 181 21.50 11.52 -17.08
N VAL A 182 20.46 10.73 -17.11
CA VAL A 182 19.07 11.17 -17.10
C VAL A 182 18.22 10.40 -16.06
N THR A 183 17.80 11.03 -14.98
CA THR A 183 18.12 12.42 -14.60
C THR A 183 19.52 12.39 -14.00
N VAL A 184 20.18 13.48 -13.77
CA VAL A 184 21.53 13.43 -13.18
C VAL A 184 21.29 13.37 -11.69
N ASN A 185 22.05 12.60 -10.94
CA ASN A 185 21.83 12.45 -9.50
C ASN A 185 22.60 13.41 -8.62
N LEU A 186 22.17 14.64 -8.62
CA LEU A 186 22.77 15.69 -7.75
C LEU A 186 21.54 16.46 -7.31
N ALA A 187 21.52 16.88 -6.08
CA ALA A 187 20.36 17.59 -5.50
C ALA A 187 19.09 16.75 -5.69
N GLY A 188 19.14 15.45 -5.49
CA GLY A 188 18.00 14.57 -5.63
C GLY A 188 17.54 14.29 -7.04
N GLY A 189 18.40 14.45 -8.03
CA GLY A 189 18.04 14.17 -9.41
C GLY A 189 17.42 15.38 -10.13
N GLN A 190 18.18 15.95 -11.04
CA GLN A 190 17.91 17.09 -11.93
C GLN A 190 17.80 16.65 -13.40
N PRO A 191 16.74 17.07 -14.08
CA PRO A 191 16.47 16.70 -15.47
C PRO A 191 17.33 17.33 -16.55
N VAL A 192 17.29 16.69 -17.71
CA VAL A 192 17.99 17.03 -18.93
C VAL A 192 16.89 17.21 -19.98
N SER A 193 17.01 18.27 -20.77
CA SER A 193 15.95 18.49 -21.79
C SER A 193 16.10 17.56 -22.98
N MET A 194 14.95 17.31 -23.59
CA MET A 194 14.90 16.53 -24.84
C MET A 194 15.65 17.38 -25.88
N ALA A 195 15.50 18.70 -25.77
CA ALA A 195 16.15 19.70 -26.63
C ALA A 195 17.68 19.59 -26.56
N ASN A 196 18.19 19.42 -25.34
CA ASN A 196 19.64 19.27 -25.16
C ASN A 196 20.12 17.88 -25.60
N MET A 197 19.32 16.83 -25.43
CA MET A 197 19.73 15.48 -25.86
C MET A 197 19.92 15.45 -27.39
N ARG A 198 19.01 16.06 -28.12
CA ARG A 198 19.02 16.17 -29.57
C ARG A 198 20.14 17.04 -30.13
N ALA A 199 20.54 18.08 -29.42
CA ALA A 199 21.59 18.99 -29.79
C ALA A 199 22.92 18.24 -29.72
N VAL A 200 23.08 17.53 -28.59
CA VAL A 200 24.27 16.71 -28.24
C VAL A 200 24.52 15.63 -29.30
N ARG A 201 23.45 14.95 -29.68
CA ARG A 201 23.49 13.91 -30.72
C ARG A 201 24.04 14.52 -32.01
N GLU A 202 23.57 15.69 -32.44
CA GLU A 202 24.01 16.39 -33.67
C GLU A 202 25.45 16.87 -33.64
N LEU A 203 25.83 17.48 -32.53
CA LEU A 203 27.23 17.93 -32.43
C LEU A 203 28.16 16.72 -32.46
N THR A 204 27.97 15.79 -31.53
CA THR A 204 28.77 14.58 -31.43
C THR A 204 28.83 13.83 -32.75
N ALA A 205 27.72 13.52 -33.36
CA ALA A 205 27.57 12.80 -34.61
C ALA A 205 28.32 13.42 -35.78
N ALA A 206 28.48 14.72 -35.64
CA ALA A 206 29.18 15.56 -36.59
C ALA A 206 30.63 15.11 -36.45
N HIS A 207 31.15 14.82 -35.26
CA HIS A 207 32.55 14.38 -35.15
C HIS A 207 32.77 12.89 -34.97
N GLY A 208 31.75 12.07 -35.20
CA GLY A 208 31.91 10.63 -35.02
C GLY A 208 32.10 10.20 -33.57
N ILE A 209 31.65 11.02 -32.63
CA ILE A 209 31.71 10.71 -31.21
C ILE A 209 30.44 9.97 -30.78
N LYS A 210 30.68 8.99 -29.91
CA LYS A 210 29.61 8.14 -29.36
C LYS A 210 28.98 8.74 -28.13
N VAL A 211 27.69 8.44 -27.94
CA VAL A 211 26.97 8.98 -26.78
C VAL A 211 26.28 7.84 -26.03
N PHE A 212 26.64 7.75 -24.74
CA PHE A 212 26.00 6.71 -23.91
C PHE A 212 25.30 7.44 -22.76
N TYR A 213 24.11 7.00 -22.50
CA TYR A 213 23.28 7.50 -21.39
C TYR A 213 23.34 6.55 -20.18
N ASP A 214 23.28 7.15 -19.02
CA ASP A 214 23.15 6.40 -17.75
C ASP A 214 21.62 6.52 -17.54
N ALA A 215 20.88 5.52 -17.97
CA ALA A 215 19.41 5.55 -17.93
C ALA A 215 18.72 5.21 -16.65
N THR A 216 19.45 5.07 -15.57
CA THR A 216 18.98 4.66 -14.23
C THR A 216 17.67 5.26 -13.77
N ARG A 217 17.51 6.59 -13.80
CA ARG A 217 16.23 7.21 -13.40
C ARG A 217 15.71 7.94 -14.64
N CYS A 218 15.64 7.21 -15.75
CA CYS A 218 15.19 7.79 -17.02
C CYS A 218 13.69 8.04 -17.02
N VAL A 219 12.90 7.32 -16.24
CA VAL A 219 11.44 7.54 -16.24
C VAL A 219 11.13 8.83 -15.48
N GLU A 220 11.93 9.08 -14.46
CA GLU A 220 11.86 10.29 -13.66
C GLU A 220 12.13 11.49 -14.61
N ASN A 221 13.19 11.36 -15.41
CA ASN A 221 13.56 12.37 -16.39
C ASN A 221 12.41 12.72 -17.34
N ALA A 222 11.85 11.67 -17.88
CA ALA A 222 10.75 11.73 -18.82
C ALA A 222 9.56 12.49 -18.23
N TYR A 223 9.30 12.28 -16.94
CA TYR A 223 8.16 12.99 -16.35
C TYR A 223 8.41 14.50 -16.42
N PHE A 224 9.58 15.01 -16.08
CA PHE A 224 10.05 16.36 -16.00
C PHE A 224 9.95 17.07 -17.34
N ILE A 225 10.31 16.29 -18.33
CA ILE A 225 10.22 16.70 -19.73
C ILE A 225 8.73 16.90 -20.04
N LYS A 226 7.93 15.87 -19.81
CA LYS A 226 6.50 15.91 -20.06
C LYS A 226 5.81 17.06 -19.35
N GLU A 227 6.26 17.26 -18.13
CA GLU A 227 5.68 18.29 -17.28
C GLU A 227 6.15 19.69 -17.56
N GLN A 228 7.40 19.94 -17.89
CA GLN A 228 7.96 21.25 -18.08
C GLN A 228 8.63 21.65 -19.38
N GLU A 229 8.78 20.75 -20.32
CA GLU A 229 9.43 21.04 -21.60
C GLU A 229 8.29 21.27 -22.62
N GLN A 230 8.38 22.49 -23.19
CA GLN A 230 7.38 22.93 -24.16
C GLN A 230 7.39 22.07 -25.40
N GLY A 231 6.23 21.53 -25.73
CA GLY A 231 6.00 20.64 -26.85
C GLY A 231 5.74 19.17 -26.49
N PHE A 232 5.97 18.83 -25.23
CA PHE A 232 5.82 17.44 -24.76
C PHE A 232 4.61 17.26 -23.91
N GLU A 233 3.89 18.31 -23.60
CA GLU A 233 2.67 18.28 -22.79
C GLU A 233 1.72 17.14 -23.12
N ASN A 234 1.57 16.82 -24.39
CA ASN A 234 0.65 15.78 -24.84
C ASN A 234 1.26 14.46 -25.26
N LYS A 235 2.56 14.29 -25.13
CA LYS A 235 3.22 13.02 -25.44
C LYS A 235 3.13 12.12 -24.18
N SER A 236 3.15 10.86 -24.51
CA SER A 236 3.18 9.73 -23.61
C SER A 236 4.58 9.72 -22.98
N ILE A 237 4.60 9.11 -21.80
CA ILE A 237 5.88 8.90 -21.11
C ILE A 237 6.68 7.96 -22.01
N ALA A 238 5.97 6.98 -22.56
CA ALA A 238 6.56 5.98 -23.46
C ALA A 238 7.06 6.65 -24.72
N GLU A 239 6.28 7.60 -25.22
CA GLU A 239 6.71 8.34 -26.43
C GLU A 239 7.92 9.17 -26.03
N ILE A 240 7.85 9.83 -24.88
CA ILE A 240 9.08 10.57 -24.53
C ILE A 240 10.29 9.68 -24.36
N VAL A 241 10.09 8.55 -23.68
CA VAL A 241 11.19 7.61 -23.39
C VAL A 241 11.77 7.10 -24.69
N HIS A 242 10.93 6.69 -25.63
CA HIS A 242 11.50 6.19 -26.89
C HIS A 242 12.30 7.25 -27.60
N GLU A 243 11.91 8.53 -27.62
CA GLU A 243 12.66 9.60 -28.27
C GLU A 243 13.96 9.96 -27.56
N MET A 244 13.96 9.96 -26.24
CA MET A 244 15.21 10.28 -25.55
C MET A 244 16.35 9.38 -26.02
N PHE A 245 16.04 8.08 -26.10
CA PHE A 245 17.00 7.01 -26.44
C PHE A 245 17.37 7.02 -27.89
N SER A 246 16.55 7.68 -28.72
CA SER A 246 16.82 7.83 -30.15
C SER A 246 18.09 8.65 -30.33
N TYR A 247 18.51 9.41 -29.34
CA TYR A 247 19.70 10.26 -29.39
C TYR A 247 20.94 9.71 -28.74
N ALA A 248 21.03 8.40 -28.55
CA ALA A 248 22.20 7.82 -27.87
C ALA A 248 22.63 6.57 -28.63
N ASP A 249 23.87 6.15 -28.40
CA ASP A 249 24.29 4.90 -29.08
C ASP A 249 23.90 3.70 -28.20
N GLY A 250 23.74 3.94 -26.91
CA GLY A 250 23.33 2.95 -25.94
C GLY A 250 23.11 3.62 -24.59
N CYS A 251 22.92 2.74 -23.62
CA CYS A 251 22.75 3.08 -22.21
C CYS A 251 23.11 1.93 -21.28
N THR A 252 23.38 2.34 -20.05
CA THR A 252 23.60 1.47 -18.88
C THR A 252 22.44 1.80 -17.91
N MET A 253 21.89 0.75 -17.29
CA MET A 253 20.79 0.92 -16.35
C MET A 253 20.91 0.00 -15.13
N SER A 254 20.63 0.62 -14.00
CA SER A 254 20.49 -0.05 -12.69
C SER A 254 18.97 -0.23 -12.57
N GLY A 255 18.43 -1.38 -12.89
CA GLY A 255 16.96 -1.55 -12.86
C GLY A 255 16.34 -1.37 -11.49
N LYS A 256 17.14 -1.33 -10.47
CA LYS A 256 16.81 -1.17 -9.06
C LYS A 256 16.17 0.19 -8.74
N LYS A 257 16.32 1.16 -9.65
CA LYS A 257 15.74 2.48 -9.51
C LYS A 257 14.40 2.45 -10.26
N ASP A 258 14.36 3.09 -11.41
CA ASP A 258 13.15 3.24 -12.25
C ASP A 258 12.54 1.98 -12.84
N CYS A 259 13.08 0.79 -12.78
CA CYS A 259 12.42 -0.40 -13.33
C CYS A 259 11.53 -1.09 -12.28
N LEU A 260 11.38 -0.46 -11.13
CA LEU A 260 10.56 -1.01 -10.07
C LEU A 260 10.90 -2.44 -9.67
N VAL A 261 12.20 -2.74 -9.58
CA VAL A 261 12.72 -4.02 -9.18
C VAL A 261 13.69 -3.83 -8.00
N ASN A 262 14.00 -5.00 -7.42
CA ASN A 262 14.89 -5.08 -6.27
C ASN A 262 16.33 -5.41 -6.67
N ILE A 263 16.56 -5.82 -7.88
CA ILE A 263 17.80 -6.17 -8.50
C ILE A 263 17.65 -6.23 -10.04
N GLY A 264 18.84 -6.04 -10.60
CA GLY A 264 19.04 -6.03 -12.05
C GLY A 264 19.57 -4.67 -12.54
N GLY A 265 20.12 -4.80 -13.71
CA GLY A 265 20.73 -3.80 -14.56
C GLY A 265 20.87 -4.35 -15.99
N PHE A 266 21.44 -3.52 -16.85
CA PHE A 266 21.60 -3.98 -18.27
C PHE A 266 22.47 -2.93 -18.95
N LEU A 267 23.06 -3.40 -20.02
CA LEU A 267 23.91 -2.65 -20.92
C LEU A 267 23.24 -2.79 -22.31
N CYS A 268 22.90 -1.65 -22.89
CA CYS A 268 22.27 -1.63 -24.23
C CYS A 268 23.14 -0.92 -25.27
N MET A 269 22.98 -1.38 -26.51
CA MET A 269 23.72 -0.77 -27.64
C MET A 269 23.03 -1.22 -28.93
N ASN A 270 23.40 -0.49 -29.94
CA ASN A 270 22.94 -0.66 -31.33
C ASN A 270 24.04 -1.33 -32.20
N ASP A 271 25.27 -0.99 -31.87
CA ASP A 271 26.45 -1.49 -32.56
C ASP A 271 26.59 -3.01 -32.44
N ASP A 272 26.56 -3.62 -33.61
CA ASP A 272 26.72 -5.06 -33.78
C ASP A 272 28.02 -5.47 -33.08
N GLU A 273 29.10 -4.96 -33.63
CA GLU A 273 30.45 -5.20 -33.14
C GLU A 273 30.59 -4.98 -31.64
N MET A 274 30.25 -3.77 -31.21
CA MET A 274 30.32 -3.41 -29.79
C MET A 274 29.65 -4.52 -28.98
N PHE A 275 28.49 -4.94 -29.44
CA PHE A 275 27.70 -5.99 -28.83
C PHE A 275 28.47 -7.30 -28.67
N SER A 276 28.90 -7.85 -29.78
CA SER A 276 29.69 -9.07 -29.93
C SER A 276 30.77 -9.15 -28.84
N SER A 277 31.58 -8.10 -28.86
CA SER A 277 32.68 -7.90 -27.93
C SER A 277 32.14 -7.89 -26.50
N ALA A 278 31.02 -7.21 -26.27
CA ALA A 278 30.41 -7.16 -24.93
C ALA A 278 30.18 -8.58 -24.44
N LYS A 279 29.68 -9.45 -25.29
CA LYS A 279 29.44 -10.84 -24.89
C LYS A 279 30.73 -11.58 -24.51
N GLU A 280 31.78 -11.25 -25.24
CA GLU A 280 33.11 -11.84 -25.04
C GLU A 280 33.57 -11.53 -23.62
N LEU A 281 33.62 -10.24 -23.33
CA LEU A 281 33.97 -9.82 -21.98
C LEU A 281 33.10 -10.68 -21.05
N VAL A 282 31.80 -10.85 -21.17
CA VAL A 282 31.05 -11.72 -20.25
C VAL A 282 31.78 -13.08 -20.13
N VAL A 283 32.08 -13.68 -21.25
CA VAL A 283 32.78 -14.97 -21.35
C VAL A 283 34.13 -14.97 -20.63
N VAL A 284 34.92 -13.92 -20.76
CA VAL A 284 36.23 -13.79 -20.09
C VAL A 284 36.11 -13.70 -18.57
N TYR A 285 35.05 -13.09 -18.10
CA TYR A 285 34.69 -12.84 -16.72
C TYR A 285 33.82 -13.93 -16.10
N GLU A 286 33.27 -14.80 -16.94
CA GLU A 286 32.40 -15.87 -16.49
C GLU A 286 32.85 -17.25 -16.95
N GLY A 287 33.21 -17.32 -18.21
CA GLY A 287 33.68 -18.55 -18.88
C GLY A 287 32.67 -19.02 -19.94
N MET A 288 31.44 -18.62 -19.68
CA MET A 288 30.26 -18.95 -20.50
C MET A 288 29.36 -17.70 -20.39
N PRO A 289 28.81 -17.36 -21.53
CA PRO A 289 27.90 -16.23 -21.61
C PRO A 289 26.56 -16.62 -20.99
N SER A 290 26.19 -15.84 -20.01
CA SER A 290 24.90 -15.97 -19.31
C SER A 290 24.36 -14.52 -19.12
N TYR A 291 23.33 -14.47 -18.32
CA TYR A 291 22.49 -13.36 -17.92
C TYR A 291 23.05 -12.50 -16.82
N GLY A 292 24.37 -12.45 -16.82
CA GLY A 292 25.23 -11.73 -15.91
C GLY A 292 24.87 -12.08 -14.46
N GLY A 293 24.50 -13.34 -14.28
CA GLY A 293 24.07 -13.80 -12.94
C GLY A 293 22.83 -12.99 -12.54
N LEU A 294 21.80 -13.10 -13.36
CA LEU A 294 20.48 -12.51 -13.15
C LEU A 294 19.51 -13.69 -13.36
N ALA A 295 18.81 -14.10 -12.30
CA ALA A 295 17.86 -15.21 -12.32
C ALA A 295 16.81 -14.97 -13.42
N GLY A 296 16.18 -16.02 -13.92
CA GLY A 296 15.14 -15.91 -14.96
C GLY A 296 13.96 -15.14 -14.31
N ARG A 297 13.62 -15.46 -13.07
CA ARG A 297 12.51 -14.75 -12.39
C ARG A 297 12.76 -13.25 -12.33
N ASP A 298 13.99 -12.81 -12.08
CA ASP A 298 14.38 -11.42 -12.00
C ASP A 298 14.33 -10.72 -13.35
N MET A 299 14.76 -11.30 -14.44
CA MET A 299 14.69 -10.70 -15.77
C MET A 299 13.21 -10.47 -16.12
N GLU A 300 12.35 -11.39 -15.75
CA GLU A 300 10.92 -11.37 -15.98
C GLU A 300 10.19 -10.21 -15.27
N ALA A 301 10.54 -9.99 -14.02
CA ALA A 301 10.07 -8.97 -13.10
C ALA A 301 10.54 -7.57 -13.56
N MET A 302 11.71 -7.47 -14.12
CA MET A 302 12.34 -6.28 -14.70
C MET A 302 11.62 -5.87 -16.00
N ALA A 303 11.34 -6.86 -16.81
CA ALA A 303 10.59 -6.69 -18.06
C ALA A 303 9.20 -6.10 -17.77
N ILE A 304 8.46 -6.66 -16.84
CA ILE A 304 7.14 -6.22 -16.41
C ILE A 304 7.22 -4.89 -15.70
N GLY A 305 8.21 -4.67 -14.86
CA GLY A 305 8.35 -3.43 -14.11
C GLY A 305 8.60 -2.24 -15.00
N LEU A 306 9.41 -2.42 -16.00
CA LEU A 306 9.78 -1.39 -16.97
C LEU A 306 8.55 -0.86 -17.69
N ARG A 307 7.69 -1.76 -18.09
CA ARG A 307 6.45 -1.36 -18.75
C ARG A 307 5.51 -0.64 -17.79
N GLU A 308 5.45 -1.08 -16.54
CA GLU A 308 4.61 -0.49 -15.54
C GLU A 308 5.05 0.94 -15.25
N ALA A 309 6.34 1.20 -15.37
CA ALA A 309 6.97 2.49 -15.16
C ALA A 309 6.46 3.53 -16.19
N MET A 310 5.93 3.04 -17.29
CA MET A 310 5.44 3.86 -18.37
C MET A 310 4.08 4.45 -17.98
N GLN A 311 3.42 4.05 -16.92
CA GLN A 311 2.10 4.65 -16.61
C GLN A 311 2.34 6.06 -16.05
N TYR A 312 1.75 7.04 -16.75
CA TYR A 312 1.87 8.45 -16.41
C TYR A 312 1.48 8.68 -14.95
N GLU A 313 0.30 8.22 -14.57
CA GLU A 313 -0.15 8.37 -13.19
C GLU A 313 0.81 7.74 -12.19
N TYR A 314 1.48 6.65 -12.51
CA TYR A 314 2.47 6.07 -11.62
C TYR A 314 3.61 7.05 -11.43
N ILE A 315 4.26 7.55 -12.49
CA ILE A 315 5.41 8.46 -12.30
C ILE A 315 5.02 9.85 -11.81
N GLU A 316 3.85 10.37 -12.17
CA GLU A 316 3.44 11.70 -11.67
C GLU A 316 3.38 11.61 -10.14
N HIS A 317 2.65 10.63 -9.65
CA HIS A 317 2.47 10.32 -8.22
C HIS A 317 3.83 10.09 -7.58
N ARG A 318 4.73 9.31 -8.17
CA ARG A 318 6.09 9.09 -7.62
C ARG A 318 6.72 10.45 -7.36
N VAL A 319 6.95 11.30 -8.35
CA VAL A 319 7.58 12.63 -8.23
C VAL A 319 6.89 13.57 -7.27
N LYS A 320 5.57 13.67 -7.30
CA LYS A 320 4.87 14.55 -6.38
C LYS A 320 4.85 14.14 -4.93
N GLN A 321 5.16 12.91 -4.61
CA GLN A 321 5.21 12.39 -3.22
C GLN A 321 6.46 12.97 -2.58
N VAL A 322 7.55 13.01 -3.32
CA VAL A 322 8.82 13.59 -2.87
C VAL A 322 8.60 15.11 -2.74
N ARG A 323 7.93 15.62 -3.75
CA ARG A 323 7.58 17.04 -3.86
C ARG A 323 6.80 17.44 -2.63
N TYR A 324 5.83 16.63 -2.27
CA TYR A 324 4.98 16.85 -1.10
C TYR A 324 5.77 16.94 0.18
N LEU A 325 6.73 16.06 0.36
CA LEU A 325 7.54 16.11 1.59
C LEU A 325 8.32 17.41 1.59
N GLY A 326 8.99 17.72 0.50
CA GLY A 326 9.81 18.92 0.28
C GLY A 326 9.02 20.20 0.60
N ASP A 327 7.84 20.32 0.04
CA ASP A 327 6.90 21.41 0.19
C ASP A 327 6.55 21.60 1.67
N LYS A 328 6.08 20.52 2.26
CA LYS A 328 5.68 20.54 3.67
C LYS A 328 6.84 21.04 4.51
N LEU A 329 8.05 20.54 4.27
CA LEU A 329 9.22 20.97 5.03
C LEU A 329 9.49 22.48 4.83
N LYS A 330 9.57 22.88 3.59
CA LYS A 330 9.81 24.23 3.10
C LYS A 330 8.83 25.25 3.66
N ALA A 331 7.54 25.06 3.56
CA ALA A 331 6.58 26.01 4.09
C ALA A 331 6.53 26.15 5.60
N ALA A 332 7.38 25.54 6.39
CA ALA A 332 7.44 25.58 7.84
C ALA A 332 8.74 26.22 8.33
N GLY A 333 9.57 26.56 7.37
CA GLY A 333 10.84 27.21 7.67
C GLY A 333 12.03 26.29 7.80
N VAL A 334 11.82 24.99 7.61
CA VAL A 334 12.90 24.00 7.74
C VAL A 334 13.93 24.21 6.65
N PRO A 335 15.20 24.19 7.05
CA PRO A 335 16.31 24.37 6.12
C PRO A 335 16.54 23.10 5.31
N ILE A 336 16.15 23.20 4.06
CA ILE A 336 16.23 22.18 3.04
C ILE A 336 17.03 22.82 1.90
N VAL A 337 17.60 22.00 1.08
CA VAL A 337 18.36 22.34 -0.10
C VAL A 337 17.36 22.47 -1.26
N GLU A 338 17.42 23.58 -1.95
CA GLU A 338 16.51 23.79 -3.10
C GLU A 338 17.44 23.82 -4.31
N PRO A 339 16.98 23.36 -5.45
CA PRO A 339 15.61 22.85 -5.69
C PRO A 339 15.48 21.37 -5.32
N VAL A 340 14.27 20.94 -5.00
CA VAL A 340 13.92 19.56 -4.60
C VAL A 340 13.92 18.63 -5.82
N GLY A 341 14.73 17.59 -5.70
CA GLY A 341 14.91 16.62 -6.77
C GLY A 341 13.71 15.78 -7.02
N GLY A 342 13.84 14.83 -7.92
CA GLY A 342 12.65 13.99 -8.18
C GLY A 342 12.65 12.76 -7.31
N HIS A 343 13.65 12.45 -6.52
CA HIS A 343 13.66 11.23 -5.69
C HIS A 343 14.15 11.36 -4.24
N ALA A 344 14.56 12.53 -3.85
CA ALA A 344 15.03 12.85 -2.51
C ALA A 344 14.97 14.35 -2.18
N VAL A 345 14.86 14.54 -0.88
CA VAL A 345 14.87 15.77 -0.11
C VAL A 345 16.11 15.77 0.82
N PHE A 346 16.86 16.88 0.76
CA PHE A 346 18.05 17.05 1.63
C PHE A 346 17.80 18.12 2.69
N LEU A 347 18.05 17.79 3.92
CA LEU A 347 17.94 18.75 5.02
C LEU A 347 19.31 19.46 5.07
N ASP A 348 19.30 20.75 5.38
CA ASP A 348 20.61 21.51 5.48
C ASP A 348 20.95 21.42 6.97
N ALA A 349 21.99 20.61 7.21
CA ALA A 349 22.39 20.30 8.60
C ALA A 349 23.12 21.46 9.26
N ARG A 350 23.92 22.15 8.48
CA ARG A 350 24.65 23.32 8.98
C ARG A 350 23.65 24.37 9.48
N ARG A 351 22.65 24.65 8.68
CA ARG A 351 21.62 25.62 9.07
C ARG A 351 20.74 25.07 10.17
N PHE A 352 20.48 23.79 10.12
CA PHE A 352 19.62 23.11 11.11
C PHE A 352 20.27 23.16 12.49
N CYS A 353 21.57 22.86 12.51
CA CYS A 353 22.38 22.83 13.74
C CYS A 353 23.58 23.75 13.65
N GLU A 354 23.33 25.04 13.68
CA GLU A 354 24.40 26.06 13.64
C GLU A 354 25.19 26.01 14.94
N HIS A 355 24.56 25.59 16.02
CA HIS A 355 25.08 25.37 17.37
C HIS A 355 26.17 24.29 17.39
N LEU A 356 26.17 23.34 16.48
CA LEU A 356 27.18 22.28 16.43
C LEU A 356 28.10 22.63 15.25
N THR A 357 29.35 22.24 15.33
CA THR A 357 30.36 22.44 14.31
C THR A 357 30.62 21.08 13.65
N GLN A 358 31.19 21.18 12.48
CA GLN A 358 31.56 20.05 11.63
C GLN A 358 32.11 18.90 12.46
N ASP A 359 32.96 19.25 13.39
CA ASP A 359 33.65 18.44 14.36
C ASP A 359 32.68 17.77 15.32
N GLU A 360 31.49 18.26 15.45
CA GLU A 360 30.54 17.58 16.34
C GLU A 360 29.50 16.82 15.51
N PHE A 361 29.81 16.63 14.24
CA PHE A 361 28.99 15.91 13.26
C PHE A 361 27.49 16.23 13.35
N PRO A 362 27.15 17.42 12.88
CA PRO A 362 25.75 17.86 12.88
C PRO A 362 24.81 16.99 12.06
N ALA A 363 25.23 16.51 10.89
CA ALA A 363 24.37 15.68 10.04
C ALA A 363 24.08 14.35 10.76
N GLN A 364 25.16 13.68 11.13
CA GLN A 364 25.18 12.43 11.86
C GLN A 364 24.17 12.48 13.02
N SER A 365 24.33 13.52 13.81
CA SER A 365 23.51 13.82 14.98
C SER A 365 22.05 14.16 14.66
N LEU A 366 21.80 14.81 13.55
CA LEU A 366 20.43 15.16 13.10
C LEU A 366 19.75 13.84 12.71
N ALA A 367 20.46 13.03 11.92
CA ALA A 367 19.94 11.70 11.50
C ALA A 367 19.47 10.89 12.69
N ALA A 368 20.22 10.86 13.78
CA ALA A 368 19.94 10.14 15.04
C ALA A 368 18.68 10.63 15.71
N SER A 369 18.50 11.94 15.76
CA SER A 369 17.32 12.57 16.39
C SER A 369 16.07 12.30 15.59
N ILE A 370 16.16 12.41 14.28
CA ILE A 370 14.99 12.12 13.42
C ILE A 370 14.50 10.72 13.76
N TYR A 371 15.44 9.77 13.82
CA TYR A 371 15.06 8.38 14.17
C TYR A 371 14.47 8.27 15.56
N VAL A 372 15.11 8.80 16.58
CA VAL A 372 14.60 8.73 17.96
C VAL A 372 13.18 9.28 18.01
N GLU A 373 12.91 10.41 17.35
CA GLU A 373 11.58 10.99 17.39
C GLU A 373 10.47 10.43 16.54
N THR A 374 10.78 9.84 15.39
CA THR A 374 9.67 9.38 14.51
C THR A 374 9.64 7.91 14.10
N GLY A 375 10.78 7.23 14.14
CA GLY A 375 10.96 5.83 13.74
C GLY A 375 11.40 5.86 12.27
N VAL A 376 11.89 6.99 11.76
CA VAL A 376 12.34 7.24 10.41
C VAL A 376 13.88 7.17 10.30
N ARG A 377 14.34 6.45 9.30
CA ARG A 377 15.78 6.32 9.09
C ARG A 377 16.17 7.17 7.88
N SER A 378 17.18 7.98 8.13
CA SER A 378 17.78 8.88 7.18
C SER A 378 19.30 8.65 7.25
N MET A 379 19.83 9.03 6.15
CA MET A 379 21.22 8.97 5.73
C MET A 379 21.94 10.28 5.84
N GLU A 380 23.05 10.30 6.54
CA GLU A 380 23.95 11.46 6.70
C GLU A 380 24.63 11.71 5.35
N ARG A 381 24.80 12.98 5.00
CA ARG A 381 25.44 13.29 3.71
C ARG A 381 26.64 14.22 3.85
N GLY A 382 27.16 14.44 2.66
CA GLY A 382 28.33 15.27 2.35
C GLY A 382 28.11 15.66 0.88
N ILE A 383 27.13 16.55 0.74
CA ILE A 383 26.68 17.10 -0.54
C ILE A 383 25.94 18.42 -0.29
N LYS A 399 31.39 21.54 0.38
CA LYS A 399 30.59 20.31 0.57
C LYS A 399 29.86 20.38 1.92
N LEU A 400 28.61 20.80 1.77
CA LEU A 400 27.64 21.00 2.83
C LEU A 400 27.18 19.67 3.41
N GLU A 401 26.89 19.78 4.69
CA GLU A 401 26.37 18.71 5.51
C GLU A 401 24.85 18.68 5.35
N THR A 402 24.41 17.61 4.69
CA THR A 402 22.96 17.41 4.47
C THR A 402 22.62 16.05 5.06
N VAL A 403 21.40 15.87 5.40
CA VAL A 403 20.84 14.60 5.90
C VAL A 403 19.89 14.23 4.74
N ARG A 404 20.10 13.10 4.10
CA ARG A 404 19.27 12.72 2.97
C ARG A 404 18.03 11.90 3.32
N LEU A 405 16.93 12.24 2.65
CA LEU A 405 15.63 11.58 2.74
C LEU A 405 15.32 11.09 1.30
N THR A 406 15.56 9.82 1.06
CA THR A 406 15.40 9.19 -0.25
C THR A 406 14.19 8.25 -0.19
N ILE A 407 13.36 8.35 -1.20
CA ILE A 407 12.11 7.67 -1.26
C ILE A 407 11.96 6.58 -2.32
N PRO A 408 11.80 5.39 -1.77
CA PRO A 408 11.53 4.19 -2.58
C PRO A 408 10.15 4.29 -3.22
N ARG A 409 10.02 3.68 -4.39
CA ARG A 409 8.83 3.62 -5.22
C ARG A 409 7.78 2.64 -4.71
N ARG A 410 6.60 3.20 -4.57
CA ARG A 410 5.36 2.58 -4.13
C ARG A 410 5.34 1.94 -2.76
N VAL A 411 6.17 2.28 -1.79
CA VAL A 411 6.19 1.69 -0.46
C VAL A 411 5.46 2.44 0.64
N TYR A 412 5.50 3.76 0.50
CA TYR A 412 4.95 4.71 1.46
C TYR A 412 3.82 5.58 0.91
N THR A 413 3.01 6.05 1.84
CA THR A 413 1.86 6.93 1.66
C THR A 413 2.15 8.37 2.12
N TYR A 414 1.21 9.29 1.90
CA TYR A 414 1.36 10.71 2.30
C TYR A 414 1.32 10.79 3.82
N ALA A 415 0.57 9.90 4.44
CA ALA A 415 0.49 9.84 5.92
C ALA A 415 1.88 9.49 6.49
N HIS A 416 2.64 8.75 5.74
CA HIS A 416 4.01 8.37 6.09
C HIS A 416 4.89 9.61 5.85
N MET A 417 4.60 10.39 4.82
CA MET A 417 5.39 11.62 4.55
C MET A 417 5.13 12.64 5.66
N ASP A 418 3.93 12.67 6.21
CA ASP A 418 3.48 13.52 7.32
C ASP A 418 4.24 13.16 8.60
N VAL A 419 4.46 11.88 8.84
CA VAL A 419 5.21 11.41 10.01
C VAL A 419 6.60 12.03 9.97
N VAL A 420 7.26 11.93 8.84
CA VAL A 420 8.58 12.43 8.53
C VAL A 420 8.61 13.98 8.70
N ALA A 421 7.71 14.70 8.06
CA ALA A 421 7.67 16.16 8.08
C ALA A 421 7.38 16.73 9.46
N ASP A 422 6.34 16.21 10.08
CA ASP A 422 5.93 16.65 11.41
C ASP A 422 7.03 16.57 12.45
N GLY A 423 7.77 15.49 12.44
CA GLY A 423 8.84 15.22 13.39
C GLY A 423 10.03 16.12 13.17
N ILE A 424 10.34 16.38 11.91
CA ILE A 424 11.45 17.26 11.55
C ILE A 424 11.04 18.70 11.91
N ILE A 425 9.80 19.05 11.64
CA ILE A 425 9.34 20.40 12.01
C ILE A 425 9.48 20.59 13.52
N LYS A 426 8.99 19.69 14.35
CA LYS A 426 9.16 19.80 15.80
C LYS A 426 10.63 19.75 16.18
N LEU A 427 11.43 18.93 15.49
CA LEU A 427 12.85 18.90 15.84
C LEU A 427 13.36 20.34 15.63
N TYR A 428 13.16 20.87 14.45
CA TYR A 428 13.58 22.20 14.04
C TYR A 428 13.29 23.30 15.06
N GLN A 429 12.10 23.26 15.63
CA GLN A 429 11.63 24.19 16.64
C GLN A 429 12.30 24.06 18.00
N HIS A 430 13.21 23.14 18.16
CA HIS A 430 14.00 22.75 19.30
C HIS A 430 15.42 22.43 18.85
N LYS A 431 15.81 22.87 17.66
CA LYS A 431 17.13 22.54 17.13
C LYS A 431 18.22 22.60 18.16
N GLU A 432 18.09 23.53 19.09
CA GLU A 432 19.08 23.72 20.14
C GLU A 432 19.33 22.50 20.99
N ASP A 433 18.33 21.68 21.20
CA ASP A 433 18.47 20.44 21.99
C ASP A 433 19.33 19.41 21.27
N ILE A 434 19.48 19.40 19.96
CA ILE A 434 20.31 18.39 19.29
C ILE A 434 21.74 18.42 19.81
N ARG A 435 22.20 17.45 20.58
CA ARG A 435 23.57 17.39 21.11
C ARG A 435 24.56 16.89 20.06
N GLY A 436 25.79 17.34 20.11
CA GLY A 436 26.86 16.94 19.19
C GLY A 436 27.34 15.55 19.64
N LEU A 437 28.10 14.94 18.76
CA LEU A 437 28.62 13.61 19.02
C LEU A 437 30.14 13.61 18.91
N LYS A 438 30.67 12.54 19.49
CA LYS A 438 32.10 12.23 19.47
C LYS A 438 32.29 10.77 18.99
N PHE A 439 33.31 10.63 18.20
CA PHE A 439 33.77 9.39 17.61
C PHE A 439 34.22 8.47 18.73
N ILE A 440 33.39 7.60 19.24
CA ILE A 440 33.90 6.67 20.29
C ILE A 440 34.12 5.34 19.57
N TYR A 441 34.53 5.41 18.32
CA TYR A 441 34.78 4.37 17.36
C TYR A 441 35.06 3.01 17.98
N PHE A 448 31.84 7.32 8.91
CA PHE A 448 31.93 5.93 8.45
C PHE A 448 30.64 5.15 8.71
N PHE A 449 30.43 4.23 7.79
CA PHE A 449 29.28 3.31 7.76
C PHE A 449 29.39 2.29 8.89
N THR A 450 30.55 2.25 9.49
CA THR A 450 30.94 1.40 10.60
C THR A 450 31.10 2.22 11.88
N ALA A 451 31.31 3.52 11.78
CA ALA A 451 31.52 4.43 12.90
C ALA A 451 30.48 4.46 14.01
N ARG A 452 30.94 4.32 15.24
CA ARG A 452 30.13 4.36 16.47
C ARG A 452 30.52 5.68 17.14
N PHE A 453 29.58 6.35 17.77
CA PHE A 453 29.76 7.66 18.38
C PHE A 453 29.13 7.71 19.78
N ASP A 454 29.35 8.86 20.43
CA ASP A 454 28.72 9.11 21.74
C ASP A 454 28.42 10.63 21.81
N TYR A 455 27.43 10.97 22.62
CA TYR A 455 27.03 12.35 22.80
C TYR A 455 28.12 13.05 23.62
N ILE A 456 28.57 14.19 23.10
CA ILE A 456 29.57 14.97 23.87
C ILE A 456 28.78 15.66 24.99
N MET B 1 -3.66 13.95 11.92
CA MET B 1 -4.27 14.98 12.78
C MET B 1 -4.82 14.30 14.05
N ASN B 2 -5.84 13.54 13.77
CA ASN B 2 -6.66 12.74 14.71
C ASN B 2 -6.49 11.26 14.30
N TYR B 3 -6.09 11.12 13.05
CA TYR B 3 -5.88 9.93 12.26
C TYR B 3 -4.45 9.45 12.05
N PRO B 4 -4.21 8.23 12.55
CA PRO B 4 -2.87 7.63 12.42
C PRO B 4 -2.41 7.29 11.02
N ALA B 5 -1.14 7.39 10.70
CA ALA B 5 -0.49 6.97 9.46
C ALA B 5 -0.56 5.40 9.51
N GLU B 6 -0.48 4.74 8.38
CA GLU B 6 -0.60 3.28 8.38
C GLU B 6 0.51 2.62 9.16
N PRO B 7 0.15 1.70 10.03
CA PRO B 7 1.14 0.95 10.83
C PRO B 7 1.79 -0.17 10.03
N PHE B 8 2.16 0.06 8.79
CA PHE B 8 2.66 -0.97 7.85
C PHE B 8 3.24 -0.26 6.66
N ARG B 9 4.05 -0.95 5.88
CA ARG B 9 4.63 -0.38 4.65
C ARG B 9 3.93 -1.20 3.54
N ILE B 10 3.98 -0.66 2.35
CA ILE B 10 3.38 -1.40 1.22
C ILE B 10 4.38 -2.49 0.74
N LYS B 11 3.98 -3.78 0.68
CA LYS B 11 4.93 -4.79 0.20
C LYS B 11 4.72 -4.98 -1.29
N SER B 12 3.50 -4.96 -1.79
CA SER B 12 3.21 -5.08 -3.23
C SER B 12 1.87 -4.41 -3.54
N VAL B 13 1.76 -3.94 -4.78
CA VAL B 13 0.55 -3.25 -5.22
C VAL B 13 -0.21 -4.01 -6.30
N GLU B 14 -1.45 -3.56 -6.43
CA GLU B 14 -2.37 -4.06 -7.47
C GLU B 14 -2.50 -2.88 -8.42
N THR B 15 -2.10 -2.94 -9.68
CA THR B 15 -2.16 -1.82 -10.63
C THR B 15 -3.61 -1.56 -11.04
N VAL B 16 -3.95 -0.32 -11.36
CA VAL B 16 -5.31 0.05 -11.78
C VAL B 16 -5.24 0.85 -13.10
N SER B 17 -6.32 0.72 -13.83
CA SER B 17 -6.54 1.35 -15.13
C SER B 17 -6.55 2.87 -15.03
N MET B 18 -7.29 3.50 -14.14
CA MET B 18 -7.26 4.99 -14.09
C MET B 18 -7.90 5.54 -15.39
N ILE B 19 -9.04 4.94 -15.70
CA ILE B 19 -9.78 5.37 -16.88
C ILE B 19 -10.54 6.64 -16.53
N PRO B 20 -10.56 7.55 -17.49
CA PRO B 20 -11.22 8.83 -17.44
C PRO B 20 -12.74 8.78 -17.45
N ARG B 21 -13.24 9.91 -16.97
CA ARG B 21 -14.65 10.23 -16.78
C ARG B 21 -15.50 9.78 -17.95
N ASP B 22 -15.03 10.09 -19.13
CA ASP B 22 -15.67 9.76 -20.41
C ASP B 22 -15.83 8.25 -20.57
N GLU B 23 -14.80 7.49 -20.27
CA GLU B 23 -14.92 6.03 -20.35
C GLU B 23 -15.71 5.48 -19.20
N ARG B 24 -15.69 6.16 -18.04
CA ARG B 24 -16.48 5.70 -16.88
C ARG B 24 -17.98 5.83 -17.15
N LEU B 25 -18.34 6.92 -17.82
CA LEU B 25 -19.77 7.16 -18.10
C LEU B 25 -20.41 6.06 -18.92
N LYS B 26 -19.64 5.69 -19.91
CA LYS B 26 -19.90 4.66 -20.91
C LYS B 26 -20.02 3.29 -20.27
N LYS B 27 -19.08 2.96 -19.38
CA LYS B 27 -19.05 1.69 -18.63
C LYS B 27 -20.29 1.66 -17.74
N MET B 28 -20.60 2.82 -17.17
CA MET B 28 -21.77 2.97 -16.28
C MET B 28 -23.04 2.70 -17.08
N GLN B 29 -23.07 3.34 -18.25
CA GLN B 29 -24.19 3.17 -19.20
C GLN B 29 -24.30 1.70 -19.59
N GLU B 30 -23.16 1.13 -19.96
CA GLU B 30 -23.11 -0.28 -20.32
C GLU B 30 -23.52 -1.20 -19.21
N ALA B 31 -23.26 -0.84 -17.96
CA ALA B 31 -23.61 -1.64 -16.77
C ALA B 31 -25.07 -1.42 -16.36
N GLY B 32 -25.67 -0.49 -17.08
CA GLY B 32 -27.06 -0.10 -16.98
C GLY B 32 -27.32 0.70 -15.71
N TYR B 33 -26.34 1.52 -15.37
CA TYR B 33 -26.40 2.35 -14.15
C TYR B 33 -26.52 1.54 -12.86
N ASN B 34 -26.05 0.29 -12.88
CA ASN B 34 -25.99 -0.70 -11.84
C ASN B 34 -24.51 -1.02 -11.59
N THR B 35 -23.98 -0.50 -10.49
CA THR B 35 -22.58 -0.63 -10.05
C THR B 35 -22.22 -2.06 -9.74
N PHE B 36 -23.19 -2.88 -9.43
CA PHE B 36 -23.06 -4.32 -9.18
C PHE B 36 -22.66 -5.00 -10.50
N LEU B 37 -23.05 -4.44 -11.63
CA LEU B 37 -22.75 -4.92 -12.98
C LEU B 37 -21.43 -4.39 -13.50
N LEU B 38 -20.74 -3.49 -12.82
CA LEU B 38 -19.43 -3.04 -13.31
C LEU B 38 -18.39 -4.19 -13.21
N ASN B 39 -17.39 -4.13 -14.05
CA ASN B 39 -16.30 -5.11 -14.02
C ASN B 39 -15.24 -4.57 -13.03
N SER B 40 -14.65 -5.50 -12.32
CA SER B 40 -13.57 -5.18 -11.37
C SER B 40 -12.46 -4.40 -12.02
N LYS B 41 -12.03 -4.73 -13.22
CA LYS B 41 -10.94 -4.03 -13.92
C LYS B 41 -11.22 -2.57 -14.24
N ASP B 42 -12.48 -2.23 -14.29
CA ASP B 42 -12.90 -0.84 -14.55
C ASP B 42 -13.02 -0.01 -13.28
N ILE B 43 -12.77 -0.54 -12.10
CA ILE B 43 -12.91 0.16 -10.83
C ILE B 43 -11.59 0.58 -10.23
N TYR B 44 -11.55 1.84 -9.83
CA TYR B 44 -10.38 2.46 -9.20
C TYR B 44 -10.36 2.03 -7.72
N ILE B 45 -11.35 2.41 -6.96
CA ILE B 45 -11.54 2.12 -5.54
C ILE B 45 -12.83 1.36 -5.38
N ASP B 46 -12.90 0.14 -4.98
CA ASP B 46 -14.06 -0.72 -4.83
C ASP B 46 -14.49 -0.87 -3.37
N LEU B 47 -15.51 -0.13 -2.98
CA LEU B 47 -16.10 -0.08 -1.66
C LEU B 47 -17.43 -0.81 -1.59
N LEU B 48 -17.60 -1.84 -2.37
CA LEU B 48 -18.80 -2.67 -2.41
C LEU B 48 -18.94 -3.50 -1.14
N THR B 49 -17.83 -4.02 -0.63
CA THR B 49 -17.86 -4.84 0.58
C THR B 49 -16.50 -4.82 1.27
N ASP B 50 -16.51 -5.12 2.56
CA ASP B 50 -15.30 -5.22 3.39
C ASP B 50 -14.96 -6.71 3.55
N SER B 51 -15.78 -7.53 2.92
CA SER B 51 -15.69 -8.98 2.93
C SER B 51 -14.78 -9.57 1.85
N GLY B 52 -13.65 -10.15 2.26
CA GLY B 52 -12.77 -10.83 1.33
C GLY B 52 -11.78 -10.17 0.43
N THR B 53 -11.68 -8.86 0.46
CA THR B 53 -10.73 -8.11 -0.36
C THR B 53 -9.64 -7.48 0.48
N ASN B 54 -9.39 -8.09 1.62
CA ASN B 54 -8.37 -7.65 2.57
C ASN B 54 -6.99 -7.87 1.97
N ALA B 55 -6.04 -7.03 2.27
CA ALA B 55 -4.65 -7.25 1.83
C ALA B 55 -3.93 -8.07 2.93
N MET B 56 -3.28 -9.15 2.61
CA MET B 56 -2.53 -10.05 3.46
C MET B 56 -1.12 -9.49 3.59
N SER B 57 -0.44 -9.92 4.62
CA SER B 57 0.97 -9.44 4.82
C SER B 57 1.89 -10.43 4.11
N ASP B 58 3.14 -10.05 4.11
CA ASP B 58 4.14 -10.94 3.52
C ASP B 58 4.30 -12.20 4.39
N LYS B 59 4.01 -12.18 5.64
CA LYS B 59 4.09 -13.33 6.55
C LYS B 59 2.94 -14.26 6.15
N GLN B 60 1.76 -13.66 5.94
CA GLN B 60 0.62 -14.46 5.46
C GLN B 60 0.97 -15.12 4.12
N TRP B 61 1.60 -14.42 3.17
CA TRP B 61 2.02 -15.00 1.87
C TRP B 61 3.07 -16.09 2.01
N ALA B 62 3.99 -15.96 2.96
CA ALA B 62 5.01 -16.99 3.22
C ALA B 62 4.26 -18.21 3.72
N GLY B 63 3.17 -18.12 4.47
CA GLY B 63 2.35 -19.22 4.95
C GLY B 63 1.62 -19.99 3.83
N MET B 64 1.23 -19.25 2.80
CA MET B 64 0.51 -19.70 1.62
C MET B 64 1.45 -20.59 0.80
N MET B 65 2.73 -20.37 0.87
CA MET B 65 3.71 -21.16 0.13
C MET B 65 4.00 -22.47 0.86
N MET B 66 3.49 -22.61 2.04
CA MET B 66 3.75 -23.81 2.85
C MET B 66 2.52 -24.60 3.24
N GLY B 67 1.48 -24.65 2.47
CA GLY B 67 0.27 -25.43 2.85
C GLY B 67 0.70 -26.90 2.89
N ASP B 68 0.21 -27.56 3.91
CA ASP B 68 0.45 -29.02 4.11
C ASP B 68 -0.95 -29.52 3.73
N GLU B 69 -1.00 -30.01 2.47
CA GLU B 69 -2.33 -30.41 1.96
C GLU B 69 -2.82 -31.81 2.19
N ALA B 70 -2.35 -32.51 3.19
CA ALA B 70 -2.71 -33.86 3.60
C ALA B 70 -4.19 -33.74 3.95
N TYR B 71 -4.88 -34.85 3.79
CA TYR B 71 -6.33 -34.87 4.06
C TYR B 71 -6.59 -34.92 5.56
N ALA B 72 -5.56 -35.45 6.24
CA ALA B 72 -5.65 -35.59 7.69
C ALA B 72 -4.27 -35.36 8.27
N GLY B 73 -4.19 -34.73 9.43
CA GLY B 73 -2.97 -34.46 10.19
C GLY B 73 -2.11 -33.32 9.72
N SER B 74 -2.73 -32.37 9.06
CA SER B 74 -2.05 -31.21 8.47
C SER B 74 -1.54 -30.33 9.61
N GLU B 75 -0.30 -29.97 9.43
CA GLU B 75 0.44 -29.03 10.26
C GLU B 75 -0.36 -27.73 10.32
N ASN B 76 -1.00 -27.28 9.25
CA ASN B 76 -1.76 -26.05 9.18
C ASN B 76 -2.97 -26.05 10.10
N PHE B 77 -3.59 -27.22 10.18
CA PHE B 77 -4.74 -27.36 11.06
C PHE B 77 -4.28 -27.11 12.50
N TYR B 78 -3.18 -27.75 12.88
CA TYR B 78 -2.62 -27.56 14.23
C TYR B 78 -2.31 -26.12 14.52
N HIS B 79 -1.67 -25.45 13.57
CA HIS B 79 -1.38 -24.02 13.82
C HIS B 79 -2.68 -23.26 14.04
N LEU B 80 -3.72 -23.49 13.25
CA LEU B 80 -4.98 -22.78 13.38
C LEU B 80 -5.71 -23.06 14.69
N GLU B 81 -5.67 -24.30 15.11
CA GLU B 81 -6.31 -24.73 16.35
C GLU B 81 -5.62 -24.04 17.52
N ARG B 82 -4.30 -24.08 17.61
CA ARG B 82 -3.50 -23.42 18.65
C ARG B 82 -3.94 -21.96 18.82
N THR B 83 -3.73 -21.23 17.74
CA THR B 83 -4.06 -19.83 17.61
C THR B 83 -5.42 -19.50 18.15
N VAL B 84 -6.46 -20.18 17.74
CA VAL B 84 -7.81 -19.85 18.20
C VAL B 84 -8.00 -20.17 19.66
N GLN B 85 -7.39 -21.26 20.11
CA GLN B 85 -7.56 -21.69 21.50
C GLN B 85 -7.03 -20.59 22.41
N GLU B 86 -5.82 -20.21 22.06
CA GLU B 86 -5.11 -19.17 22.75
C GLU B 86 -5.71 -17.79 22.78
N LEU B 87 -6.36 -17.33 21.72
CA LEU B 87 -6.88 -15.97 21.69
C LEU B 87 -8.37 -15.86 21.97
N PHE B 88 -9.11 -16.88 21.58
CA PHE B 88 -10.58 -16.86 21.75
C PHE B 88 -10.93 -17.60 23.05
N GLY B 89 -10.10 -18.55 23.38
CA GLY B 89 -10.24 -19.35 24.59
C GLY B 89 -11.37 -20.36 24.49
N PHE B 90 -11.51 -20.85 23.27
CA PHE B 90 -12.50 -21.88 22.94
C PHE B 90 -11.65 -23.17 22.85
N LYS B 91 -12.26 -24.23 23.32
CA LYS B 91 -11.64 -25.55 23.37
C LYS B 91 -11.61 -26.18 21.99
N HIS B 92 -12.74 -26.19 21.31
CA HIS B 92 -12.86 -26.79 19.99
C HIS B 92 -13.16 -25.84 18.84
N ILE B 93 -12.57 -26.21 17.72
CA ILE B 93 -12.71 -25.50 16.45
C ILE B 93 -12.90 -26.44 15.28
N VAL B 94 -13.91 -26.13 14.50
CA VAL B 94 -14.30 -26.82 13.27
C VAL B 94 -14.05 -25.84 12.12
N PRO B 95 -12.99 -26.04 11.34
CA PRO B 95 -12.69 -25.10 10.23
C PRO B 95 -13.80 -25.17 9.22
N THR B 96 -14.13 -24.18 8.43
CA THR B 96 -15.16 -24.23 7.40
C THR B 96 -14.62 -23.39 6.24
N HIS B 97 -15.21 -23.45 5.07
CA HIS B 97 -14.74 -22.65 3.92
C HIS B 97 -15.36 -21.26 4.01
N GLN B 98 -16.47 -21.13 4.69
CA GLN B 98 -17.17 -19.85 4.84
C GLN B 98 -17.81 -19.60 6.22
N GLY B 99 -18.00 -18.31 6.49
CA GLY B 99 -18.65 -17.88 7.75
C GLY B 99 -19.97 -18.65 7.74
N ARG B 100 -20.75 -18.40 6.70
CA ARG B 100 -22.06 -19.01 6.46
C ARG B 100 -22.08 -20.51 6.65
N GLY B 101 -21.00 -21.20 6.38
CA GLY B 101 -20.89 -22.65 6.55
C GLY B 101 -20.78 -22.96 8.03
N ALA B 102 -20.12 -22.08 8.78
CA ALA B 102 -19.97 -22.34 10.22
C ALA B 102 -21.31 -22.15 10.95
N GLU B 103 -22.07 -21.17 10.48
CA GLU B 103 -23.36 -20.79 11.03
C GLU B 103 -24.45 -21.83 10.96
N ASN B 104 -24.56 -22.35 9.74
CA ASN B 104 -25.57 -23.37 9.42
C ASN B 104 -25.23 -24.69 10.12
N LEU B 105 -23.98 -24.86 10.46
CA LEU B 105 -23.52 -26.05 11.19
C LEU B 105 -23.95 -25.90 12.65
N LEU B 106 -24.05 -24.64 13.08
CA LEU B 106 -24.44 -24.30 14.44
C LEU B 106 -25.95 -24.40 14.62
N SER B 107 -26.61 -23.82 13.63
CA SER B 107 -28.08 -23.77 13.53
C SER B 107 -28.62 -25.19 13.45
N GLN B 108 -27.92 -26.07 12.77
CA GLN B 108 -28.25 -27.48 12.61
C GLN B 108 -27.72 -28.35 13.74
N LEU B 109 -27.14 -27.77 14.76
CA LEU B 109 -26.60 -28.45 15.93
C LEU B 109 -27.17 -27.95 17.26
N ALA B 110 -27.60 -26.69 17.24
CA ALA B 110 -28.14 -25.94 18.37
C ALA B 110 -29.58 -25.47 18.35
N ILE B 111 -30.36 -25.77 17.34
CA ILE B 111 -31.76 -25.39 17.26
C ILE B 111 -32.66 -26.60 16.98
N LYS B 112 -33.75 -26.65 17.74
CA LYS B 112 -34.79 -27.68 17.59
C LYS B 112 -35.91 -26.91 16.89
N PRO B 113 -36.58 -27.62 16.01
CA PRO B 113 -37.67 -26.98 15.24
C PRO B 113 -38.59 -26.31 16.24
N GLY B 114 -39.10 -25.17 15.77
CA GLY B 114 -40.02 -24.32 16.50
C GLY B 114 -39.39 -23.42 17.57
N GLN B 115 -38.14 -23.64 17.90
CA GLN B 115 -37.42 -22.85 18.90
C GLN B 115 -37.12 -21.46 18.33
N TYR B 116 -37.00 -20.53 19.27
CA TYR B 116 -36.69 -19.15 18.93
C TYR B 116 -35.16 -19.05 19.13
N VAL B 117 -34.73 -17.99 18.47
CA VAL B 117 -33.32 -17.56 18.51
C VAL B 117 -33.49 -16.05 18.82
N ALA B 118 -32.66 -15.51 19.69
CA ALA B 118 -32.77 -14.04 19.94
C ALA B 118 -31.35 -13.44 19.83
N GLY B 119 -31.29 -12.23 19.26
CA GLY B 119 -30.00 -11.55 19.07
C GLY B 119 -30.16 -10.08 18.76
N ASN B 120 -29.07 -9.43 18.38
CA ASN B 120 -29.10 -7.97 18.05
C ASN B 120 -29.23 -7.69 16.57
N MET B 121 -28.84 -8.66 15.77
CA MET B 121 -28.88 -8.63 14.31
C MET B 121 -29.63 -9.88 13.83
N TYR B 122 -30.56 -9.58 12.96
CA TYR B 122 -31.39 -10.63 12.31
C TYR B 122 -30.52 -11.81 11.87
N GLY B 134 -38.48 -25.59 12.49
CA GLY B 134 -37.77 -24.39 12.04
C GLY B 134 -37.44 -23.43 13.18
N ALA B 135 -37.37 -22.13 12.81
CA ALA B 135 -37.05 -21.09 13.78
C ALA B 135 -37.73 -19.73 13.58
N VAL B 136 -37.85 -19.12 14.76
CA VAL B 136 -38.44 -17.81 15.01
C VAL B 136 -37.33 -16.90 15.60
N PHE B 137 -37.18 -15.80 14.90
CA PHE B 137 -36.19 -14.76 15.20
C PHE B 137 -36.74 -13.60 15.98
N VAL B 138 -36.26 -13.51 17.21
CA VAL B 138 -36.65 -12.43 18.13
C VAL B 138 -35.52 -11.41 18.24
N ASP B 139 -35.83 -10.17 17.90
CA ASP B 139 -34.88 -9.05 17.94
C ASP B 139 -34.88 -8.30 19.27
N ILE B 140 -33.91 -8.61 20.11
CA ILE B 140 -33.76 -8.05 21.45
C ILE B 140 -32.80 -6.90 21.61
N VAL B 141 -32.33 -6.32 20.51
CA VAL B 141 -31.40 -5.17 20.59
C VAL B 141 -32.27 -4.01 21.08
N ARG B 142 -31.61 -3.15 21.81
CA ARG B 142 -32.25 -1.93 22.33
C ARG B 142 -32.78 -1.15 21.13
N ASP B 143 -33.87 -0.45 21.29
CA ASP B 143 -34.60 0.34 20.30
C ASP B 143 -33.88 1.43 19.50
N GLU B 144 -32.85 1.99 20.09
CA GLU B 144 -32.04 3.06 19.49
C GLU B 144 -31.21 2.56 18.33
N ALA B 145 -30.90 1.27 18.38
CA ALA B 145 -30.17 0.53 17.34
C ALA B 145 -30.83 0.85 16.00
N HIS B 146 -32.15 0.93 16.06
CA HIS B 146 -33.04 1.27 14.97
C HIS B 146 -33.06 2.75 14.61
N ASP B 147 -32.45 3.68 15.31
CA ASP B 147 -32.50 5.10 14.85
C ASP B 147 -31.16 5.56 14.27
N ALA B 148 -31.18 5.62 12.96
CA ALA B 148 -30.10 5.94 12.06
C ALA B 148 -29.51 7.34 12.21
N GLY B 149 -30.34 8.32 12.44
CA GLY B 149 -29.85 9.68 12.64
C GLY B 149 -29.31 9.83 14.06
N LEU B 150 -29.63 8.96 15.01
CA LEU B 150 -29.15 9.12 16.38
C LEU B 150 -27.77 8.59 16.75
N ASN B 151 -26.96 9.58 17.16
CA ASN B 151 -25.60 9.34 17.61
C ASN B 151 -25.58 8.94 19.07
N ILE B 152 -25.69 7.66 19.35
CA ILE B 152 -25.61 7.05 20.68
C ILE B 152 -24.47 6.00 20.62
N ALA B 153 -23.67 5.79 21.67
CA ALA B 153 -22.60 4.81 21.67
C ALA B 153 -23.16 3.43 22.07
N PHE B 154 -22.45 2.39 21.65
CA PHE B 154 -22.77 0.98 21.86
C PHE B 154 -24.22 0.68 21.52
N LYS B 155 -24.62 1.07 20.33
CA LYS B 155 -25.97 0.92 19.77
C LYS B 155 -26.39 -0.52 19.56
N GLY B 156 -25.40 -1.39 19.58
CA GLY B 156 -25.51 -2.81 19.37
C GLY B 156 -25.96 -3.62 20.55
N ASP B 157 -25.91 -3.02 21.72
CA ASP B 157 -26.31 -3.65 22.98
C ASP B 157 -27.73 -4.24 22.92
N ILE B 158 -27.82 -5.40 23.54
CA ILE B 158 -29.11 -6.12 23.62
C ILE B 158 -29.92 -5.46 24.75
N ASP B 159 -31.23 -5.35 24.58
CA ASP B 159 -32.11 -4.77 25.64
C ASP B 159 -32.37 -5.91 26.63
N LEU B 160 -31.82 -5.82 27.84
CA LEU B 160 -31.97 -6.89 28.85
C LEU B 160 -33.40 -7.21 29.26
N LYS B 161 -34.23 -6.20 29.23
CA LYS B 161 -35.67 -6.30 29.56
C LYS B 161 -36.37 -7.11 28.49
N LYS B 162 -36.11 -6.84 27.22
CA LYS B 162 -36.67 -7.54 26.05
C LYS B 162 -36.30 -9.03 26.12
N LEU B 163 -35.12 -9.27 26.67
CA LEU B 163 -34.56 -10.60 26.88
C LEU B 163 -35.40 -11.26 27.96
N GLN B 164 -35.49 -10.57 29.08
CA GLN B 164 -36.28 -11.02 30.23
C GLN B 164 -37.70 -11.35 29.77
N LYS B 165 -38.32 -10.51 28.97
CA LYS B 165 -39.67 -10.76 28.46
C LYS B 165 -39.73 -12.02 27.59
N LEU B 166 -38.70 -12.21 26.79
CA LEU B 166 -38.69 -13.40 25.91
C LEU B 166 -38.55 -14.65 26.77
N ILE B 167 -37.64 -14.59 27.72
CA ILE B 167 -37.36 -15.67 28.65
C ILE B 167 -38.66 -16.13 29.33
N ASP B 168 -39.32 -15.12 29.88
CA ASP B 168 -40.57 -15.24 30.62
C ASP B 168 -41.75 -15.77 29.81
N GLU B 169 -42.18 -15.13 28.74
CA GLU B 169 -43.34 -15.66 28.01
C GLU B 169 -43.14 -17.01 27.36
N LYS B 170 -41.98 -17.34 26.80
CA LYS B 170 -41.80 -18.65 26.15
C LYS B 170 -41.08 -19.70 26.96
N GLY B 171 -40.37 -19.30 27.99
CA GLY B 171 -39.66 -20.24 28.87
C GLY B 171 -38.32 -20.66 28.27
N ALA B 172 -37.44 -20.94 29.18
CA ALA B 172 -36.08 -21.37 29.17
C ALA B 172 -35.60 -22.38 28.16
N GLU B 173 -36.39 -23.36 27.73
CA GLU B 173 -35.83 -24.31 26.75
C GLU B 173 -36.63 -24.36 25.47
N ASN B 174 -37.27 -23.24 25.24
CA ASN B 174 -38.07 -22.97 24.03
C ASN B 174 -37.20 -22.00 23.18
N ILE B 175 -36.02 -21.77 23.73
CA ILE B 175 -34.93 -20.94 23.25
C ILE B 175 -33.65 -21.79 23.06
N ALA B 176 -33.30 -21.84 21.77
CA ALA B 176 -32.11 -22.59 21.30
C ALA B 176 -30.90 -21.98 22.01
N TYR B 177 -30.79 -20.68 21.71
CA TYR B 177 -29.74 -19.80 22.20
C TYR B 177 -29.99 -18.34 21.83
N ILE B 178 -29.07 -17.54 22.35
CA ILE B 178 -28.98 -16.08 22.14
C ILE B 178 -27.77 -15.84 21.22
N CYS B 179 -28.05 -15.06 20.18
CA CYS B 179 -27.11 -14.70 19.13
C CYS B 179 -26.60 -13.27 19.23
N LEU B 180 -25.35 -13.14 19.63
CA LEU B 180 -24.71 -11.84 19.76
C LEU B 180 -23.72 -11.57 18.63
N ALA B 181 -24.05 -10.61 17.81
CA ALA B 181 -23.16 -10.20 16.71
C ALA B 181 -22.27 -9.06 17.17
N VAL B 182 -20.96 -9.23 17.10
CA VAL B 182 -19.98 -8.22 17.48
C VAL B 182 -19.00 -7.96 16.35
N THR B 183 -18.96 -6.80 15.76
CA THR B 183 -19.88 -5.66 15.99
C THR B 183 -21.21 -6.06 15.35
N VAL B 184 -22.29 -5.32 15.52
CA VAL B 184 -23.55 -5.80 14.87
C VAL B 184 -23.61 -5.07 13.53
N ASN B 185 -23.92 -5.79 12.47
CA ASN B 185 -23.92 -5.19 11.14
C ASN B 185 -25.05 -4.29 10.70
N LEU B 186 -25.50 -3.39 11.56
CA LEU B 186 -26.54 -2.39 11.14
C LEU B 186 -25.75 -1.10 11.25
N ALA B 187 -25.97 -0.09 10.46
CA ALA B 187 -25.18 1.15 10.52
C ALA B 187 -23.68 0.95 10.34
N GLY B 188 -23.34 -0.11 9.62
CA GLY B 188 -22.00 -0.49 9.27
C GLY B 188 -21.09 -0.85 10.42
N GLY B 189 -21.59 -1.58 11.39
CA GLY B 189 -20.84 -2.08 12.52
C GLY B 189 -20.91 -1.24 13.79
N GLN B 190 -21.90 -1.53 14.60
CA GLN B 190 -22.10 -0.87 15.89
C GLN B 190 -21.59 -1.85 16.94
N PRO B 191 -20.83 -1.32 17.87
CA PRO B 191 -20.23 -2.15 18.92
C PRO B 191 -21.23 -2.59 19.99
N VAL B 192 -20.74 -3.55 20.75
CA VAL B 192 -21.42 -4.17 21.89
C VAL B 192 -20.42 -4.00 23.04
N SER B 193 -20.90 -3.32 24.07
CA SER B 193 -20.09 -3.12 25.28
C SER B 193 -19.93 -4.47 25.98
N MET B 194 -18.82 -4.54 26.72
CA MET B 194 -18.45 -5.76 27.46
C MET B 194 -19.45 -5.97 28.60
N ALA B 195 -19.90 -4.82 29.07
CA ALA B 195 -20.87 -4.74 30.16
C ALA B 195 -22.15 -5.40 29.66
N ASN B 196 -22.54 -5.10 28.43
CA ASN B 196 -23.77 -5.72 27.88
C ASN B 196 -23.57 -7.23 27.80
N MET B 197 -22.36 -7.62 27.37
CA MET B 197 -21.94 -8.99 27.17
C MET B 197 -21.84 -9.71 28.52
N ARG B 198 -21.45 -9.01 29.56
CA ARG B 198 -21.34 -9.67 30.89
C ARG B 198 -22.77 -9.89 31.40
N ALA B 199 -23.65 -8.95 31.14
CA ALA B 199 -25.06 -8.95 31.53
C ALA B 199 -25.84 -10.11 30.93
N VAL B 200 -25.86 -10.13 29.61
CA VAL B 200 -26.54 -11.17 28.83
C VAL B 200 -26.14 -12.56 29.30
N ARG B 201 -24.86 -12.74 29.53
CA ARG B 201 -24.31 -14.03 29.97
C ARG B 201 -25.09 -14.38 31.24
N GLU B 202 -24.92 -13.53 32.25
CA GLU B 202 -25.51 -13.67 33.57
C GLU B 202 -26.95 -14.15 33.54
N LEU B 203 -27.78 -13.27 33.00
CA LEU B 203 -29.22 -13.61 32.87
C LEU B 203 -29.32 -14.97 32.21
N THR B 204 -28.80 -15.20 31.01
CA THR B 204 -28.86 -16.47 30.32
C THR B 204 -28.26 -17.67 31.03
N ALA B 205 -27.17 -17.64 31.78
CA ALA B 205 -26.55 -18.80 32.43
C ALA B 205 -27.28 -19.39 33.65
N ALA B 206 -28.14 -18.57 34.20
CA ALA B 206 -29.05 -18.79 35.32
C ALA B 206 -30.15 -19.76 34.90
N HIS B 207 -30.71 -19.50 33.74
CA HIS B 207 -31.76 -20.28 33.09
C HIS B 207 -31.20 -21.45 32.28
N GLY B 208 -29.88 -21.55 32.28
CA GLY B 208 -29.05 -22.51 31.61
C GLY B 208 -28.96 -22.29 30.10
N ILE B 209 -29.40 -21.15 29.59
CA ILE B 209 -29.40 -20.75 28.19
C ILE B 209 -28.01 -20.49 27.61
N LYS B 210 -27.94 -20.86 26.34
CA LYS B 210 -26.75 -20.78 25.50
C LYS B 210 -26.61 -19.50 24.71
N VAL B 211 -25.39 -19.00 24.69
CA VAL B 211 -24.98 -17.80 23.94
C VAL B 211 -23.79 -18.16 23.02
N PHE B 212 -24.08 -17.80 21.77
CA PHE B 212 -23.12 -18.01 20.67
C PHE B 212 -22.93 -16.63 20.05
N TYR B 213 -21.69 -16.25 19.86
CA TYR B 213 -21.39 -14.96 19.24
C TYR B 213 -21.09 -15.10 17.73
N ASP B 214 -21.47 -14.09 16.99
CA ASP B 214 -21.14 -14.01 15.56
C ASP B 214 -19.88 -13.11 15.63
N ALA B 215 -18.73 -13.73 15.75
CA ALA B 215 -17.45 -13.06 15.91
C ALA B 215 -16.88 -12.48 14.64
N THR B 216 -17.63 -12.36 13.56
CA THR B 216 -17.10 -11.84 12.29
C THR B 216 -16.28 -10.57 12.32
N ARG B 217 -16.67 -9.56 13.06
CA ARG B 217 -16.00 -8.27 13.21
C ARG B 217 -15.69 -7.97 14.68
N CYS B 218 -15.27 -9.01 15.40
CA CYS B 218 -14.94 -9.01 16.80
C CYS B 218 -13.72 -8.16 17.15
N VAL B 219 -12.83 -7.90 16.23
CA VAL B 219 -11.62 -7.09 16.57
C VAL B 219 -12.01 -5.62 16.48
N GLU B 220 -12.95 -5.35 15.60
CA GLU B 220 -13.46 -4.00 15.37
C GLU B 220 -14.24 -3.66 16.62
N ASN B 221 -15.00 -4.60 17.16
CA ASN B 221 -15.75 -4.40 18.42
C ASN B 221 -14.80 -4.11 19.61
N ALA B 222 -13.73 -4.88 19.77
CA ALA B 222 -12.69 -4.78 20.75
C ALA B 222 -12.09 -3.37 20.78
N TYR B 223 -11.82 -2.84 19.59
CA TYR B 223 -11.27 -1.49 19.47
C TYR B 223 -12.24 -0.48 20.10
N PHE B 224 -13.51 -0.60 19.89
CA PHE B 224 -14.56 0.31 20.41
C PHE B 224 -14.60 0.24 21.95
N ILE B 225 -14.57 -0.98 22.46
CA ILE B 225 -14.62 -1.19 23.89
C ILE B 225 -13.41 -0.50 24.49
N LYS B 226 -12.23 -0.81 24.02
CA LYS B 226 -10.97 -0.23 24.50
C LYS B 226 -10.93 1.29 24.39
N GLU B 227 -11.58 1.80 23.37
CA GLU B 227 -11.61 3.24 23.08
C GLU B 227 -12.73 3.95 23.83
N GLN B 228 -13.88 3.35 24.04
CA GLN B 228 -15.04 3.91 24.70
C GLN B 228 -15.50 3.37 26.05
N GLU B 229 -15.31 2.12 26.33
CA GLU B 229 -15.79 1.53 27.58
C GLU B 229 -14.81 1.81 28.71
N GLN B 230 -15.33 2.77 29.48
CA GLN B 230 -14.63 3.26 30.71
C GLN B 230 -14.23 1.97 31.41
N GLY B 231 -12.93 1.83 31.58
CA GLY B 231 -12.34 0.66 32.22
C GLY B 231 -11.34 -0.11 31.39
N PHE B 232 -11.45 -0.02 30.05
CA PHE B 232 -10.58 -0.78 29.16
C PHE B 232 -9.47 -0.01 28.52
N GLU B 233 -9.39 1.27 28.74
CA GLU B 233 -8.33 2.09 28.17
C GLU B 233 -6.96 1.46 28.19
N ASN B 234 -6.56 0.71 29.18
CA ASN B 234 -5.23 0.12 29.30
C ASN B 234 -5.11 -1.38 29.02
N LYS B 235 -6.24 -1.92 28.57
CA LYS B 235 -6.30 -3.34 28.23
C LYS B 235 -6.04 -3.46 26.72
N SER B 236 -5.21 -4.44 26.44
CA SER B 236 -4.80 -4.90 25.13
C SER B 236 -5.98 -5.28 24.24
N ILE B 237 -5.75 -5.27 22.95
CA ILE B 237 -6.85 -5.77 22.08
C ILE B 237 -7.01 -7.25 22.36
N ALA B 238 -5.90 -7.97 22.51
CA ALA B 238 -5.99 -9.42 22.82
C ALA B 238 -6.68 -9.63 24.16
N GLU B 239 -6.39 -8.86 25.19
CA GLU B 239 -7.07 -9.01 26.49
C GLU B 239 -8.56 -8.75 26.34
N ILE B 240 -8.97 -7.70 25.64
CA ILE B 240 -10.43 -7.48 25.42
C ILE B 240 -11.13 -8.61 24.68
N VAL B 241 -10.54 -9.07 23.57
CA VAL B 241 -11.05 -10.16 22.74
C VAL B 241 -11.27 -11.40 23.60
N HIS B 242 -10.21 -11.85 24.27
CA HIS B 242 -10.22 -13.02 25.13
C HIS B 242 -11.37 -12.97 26.13
N GLU B 243 -11.57 -11.82 26.77
CA GLU B 243 -12.68 -11.64 27.73
C GLU B 243 -14.01 -11.59 27.01
N MET B 244 -14.06 -10.97 25.83
CA MET B 244 -15.35 -10.97 25.12
C MET B 244 -15.94 -12.37 25.05
N PHE B 245 -15.16 -13.32 24.57
CA PHE B 245 -15.53 -14.71 24.37
C PHE B 245 -15.60 -15.53 25.65
N SER B 246 -15.39 -14.91 26.81
CA SER B 246 -15.49 -15.62 28.09
C SER B 246 -16.96 -15.61 28.49
N TYR B 247 -17.72 -14.72 27.86
CA TYR B 247 -19.16 -14.57 28.04
C TYR B 247 -19.94 -15.32 26.98
N ALA B 248 -19.37 -16.30 26.28
CA ALA B 248 -20.07 -17.05 25.23
C ALA B 248 -19.80 -18.55 25.27
N ASP B 249 -20.68 -19.29 24.61
CA ASP B 249 -20.60 -20.74 24.52
C ASP B 249 -19.78 -21.25 23.32
N GLY B 250 -19.62 -20.29 22.43
CA GLY B 250 -18.92 -20.41 21.17
C GLY B 250 -19.27 -19.17 20.34
N CYS B 251 -18.78 -19.29 19.13
CA CYS B 251 -18.93 -18.31 18.07
C CYS B 251 -18.75 -19.09 16.75
N THR B 252 -19.11 -18.38 15.74
CA THR B 252 -18.96 -18.72 14.32
C THR B 252 -18.24 -17.43 13.83
N MET B 253 -17.28 -17.58 12.96
CA MET B 253 -16.57 -16.42 12.41
C MET B 253 -16.40 -16.53 10.90
N SER B 254 -16.63 -15.44 10.20
CA SER B 254 -16.31 -15.44 8.74
C SER B 254 -14.89 -14.86 8.73
N GLY B 255 -13.93 -15.68 8.33
CA GLY B 255 -12.52 -15.25 8.31
C GLY B 255 -12.32 -14.09 7.37
N LYS B 256 -13.12 -13.95 6.34
CA LYS B 256 -13.13 -12.98 5.27
C LYS B 256 -13.19 -11.51 5.70
N LYS B 257 -13.53 -11.35 6.97
CA LYS B 257 -13.61 -10.03 7.58
C LYS B 257 -12.43 -9.75 8.50
N ASP B 258 -12.62 -9.87 9.82
CA ASP B 258 -11.53 -9.50 10.75
C ASP B 258 -10.32 -10.43 10.79
N CYS B 259 -10.30 -11.57 10.12
CA CYS B 259 -9.08 -12.39 10.09
C CYS B 259 -8.10 -11.98 9.00
N LEU B 260 -8.30 -10.97 8.18
CA LEU B 260 -7.40 -10.48 7.15
C LEU B 260 -7.04 -11.50 6.07
N VAL B 261 -7.98 -12.38 5.72
CA VAL B 261 -7.87 -13.45 4.73
C VAL B 261 -9.01 -13.27 3.70
N ASN B 262 -8.81 -13.96 2.59
CA ASN B 262 -9.81 -13.83 1.51
C ASN B 262 -10.83 -14.93 1.55
N ILE B 263 -10.69 -15.95 2.36
CA ILE B 263 -11.61 -17.07 2.45
C ILE B 263 -11.44 -17.77 3.81
N GLY B 264 -12.44 -18.56 4.19
CA GLY B 264 -12.41 -19.29 5.45
C GLY B 264 -13.30 -18.68 6.53
N GLY B 265 -13.55 -19.49 7.53
CA GLY B 265 -14.33 -19.30 8.73
C GLY B 265 -14.16 -20.50 9.66
N PHE B 266 -14.87 -20.53 10.76
CA PHE B 266 -14.76 -21.67 11.69
C PHE B 266 -15.94 -21.58 12.66
N LEU B 267 -16.16 -22.71 13.29
CA LEU B 267 -17.16 -22.89 14.33
C LEU B 267 -16.31 -23.30 15.56
N CYS B 268 -16.50 -22.57 16.63
CA CYS B 268 -15.83 -22.85 17.90
C CYS B 268 -16.94 -23.15 18.96
N MET B 269 -16.62 -24.14 19.78
CA MET B 269 -17.52 -24.47 20.89
C MET B 269 -16.53 -24.98 21.98
N ASN B 270 -17.15 -25.02 23.13
CA ASN B 270 -16.55 -25.44 24.40
C ASN B 270 -17.13 -26.84 24.75
N ASP B 271 -18.39 -27.00 24.34
CA ASP B 271 -19.10 -28.24 24.59
C ASP B 271 -18.57 -29.44 23.81
N ASP B 272 -17.97 -30.36 24.52
CA ASP B 272 -17.36 -31.61 24.10
C ASP B 272 -18.22 -32.49 23.19
N GLU B 273 -19.45 -32.53 23.58
CA GLU B 273 -20.51 -33.32 22.97
C GLU B 273 -20.92 -32.82 21.62
N MET B 274 -21.23 -31.54 21.63
CA MET B 274 -21.66 -30.70 20.50
C MET B 274 -20.60 -30.79 19.40
N PHE B 275 -19.36 -30.78 19.82
CA PHE B 275 -18.16 -30.89 19.01
C PHE B 275 -18.19 -32.25 18.28
N SER B 276 -18.47 -33.28 19.04
CA SER B 276 -18.53 -34.65 18.50
C SER B 276 -19.68 -34.70 17.52
N SER B 277 -20.82 -34.21 17.93
CA SER B 277 -21.99 -34.18 17.03
C SER B 277 -21.67 -33.48 15.71
N ALA B 278 -21.03 -32.34 15.83
CA ALA B 278 -20.60 -31.42 14.78
C ALA B 278 -19.75 -32.14 13.75
N LYS B 279 -18.73 -32.76 14.30
CA LYS B 279 -17.70 -33.55 13.63
C LYS B 279 -18.30 -34.71 12.86
N GLU B 280 -19.31 -35.34 13.46
CA GLU B 280 -20.00 -36.47 12.83
C GLU B 280 -20.80 -35.94 11.63
N LEU B 281 -21.31 -34.73 11.79
CA LEU B 281 -22.10 -34.01 10.81
C LEU B 281 -21.32 -33.54 9.58
N VAL B 282 -20.02 -33.66 9.61
CA VAL B 282 -19.07 -33.33 8.55
C VAL B 282 -18.71 -34.60 7.78
N VAL B 283 -18.73 -35.71 8.50
CA VAL B 283 -18.46 -37.07 8.09
C VAL B 283 -19.75 -37.61 7.43
N VAL B 284 -20.81 -36.90 7.73
CA VAL B 284 -22.16 -37.19 7.24
C VAL B 284 -22.55 -36.22 6.13
N TYR B 285 -21.60 -35.38 5.74
CA TYR B 285 -21.82 -34.40 4.66
C TYR B 285 -20.70 -34.59 3.63
N GLU B 286 -19.56 -35.03 4.15
CA GLU B 286 -18.38 -35.25 3.33
C GLU B 286 -17.92 -36.67 3.10
N GLY B 287 -18.19 -37.56 4.04
CA GLY B 287 -17.83 -38.99 3.95
C GLY B 287 -16.70 -39.40 4.91
N MET B 288 -15.86 -38.41 5.06
CA MET B 288 -14.65 -38.28 5.83
C MET B 288 -14.65 -36.85 6.42
N PRO B 289 -14.21 -36.81 7.67
CA PRO B 289 -14.07 -35.51 8.37
C PRO B 289 -13.08 -34.73 7.52
N SER B 290 -13.38 -33.47 7.29
CA SER B 290 -12.51 -32.60 6.47
C SER B 290 -12.23 -31.32 7.26
N TYR B 291 -11.73 -30.37 6.48
CA TYR B 291 -11.39 -29.03 6.94
C TYR B 291 -12.36 -28.13 6.18
N GLY B 292 -13.43 -28.81 5.85
CA GLY B 292 -14.58 -28.33 5.14
C GLY B 292 -14.24 -27.46 3.96
N GLY B 293 -13.42 -27.99 3.05
CA GLY B 293 -13.02 -27.32 1.83
C GLY B 293 -12.27 -26.01 2.05
N LEU B 294 -11.25 -26.19 2.88
CA LEU B 294 -10.30 -25.16 3.32
C LEU B 294 -8.91 -25.77 3.11
N ALA B 295 -8.16 -25.20 2.21
CA ALA B 295 -6.80 -25.69 1.89
C ALA B 295 -5.92 -25.45 3.12
N GLY B 296 -4.83 -26.17 3.21
CA GLY B 296 -3.88 -26.09 4.30
C GLY B 296 -3.27 -24.69 4.22
N ARG B 297 -2.97 -24.24 3.01
CA ARG B 297 -2.36 -22.90 2.87
C ARG B 297 -3.28 -21.84 3.48
N ASP B 298 -4.57 -22.03 3.41
CA ASP B 298 -5.61 -21.13 3.90
C ASP B 298 -5.78 -21.13 5.41
N MET B 299 -5.63 -22.25 6.07
CA MET B 299 -5.69 -22.41 7.53
C MET B 299 -4.43 -21.72 8.05
N GLU B 300 -3.30 -21.86 7.37
CA GLU B 300 -2.07 -21.20 7.77
C GLU B 300 -2.22 -19.68 7.70
N ALA B 301 -2.68 -19.07 6.62
CA ALA B 301 -2.86 -17.64 6.43
C ALA B 301 -3.86 -17.05 7.41
N MET B 302 -4.90 -17.76 7.74
CA MET B 302 -5.96 -17.40 8.70
C MET B 302 -5.39 -17.41 10.12
N ALA B 303 -4.60 -18.38 10.50
CA ALA B 303 -3.94 -18.47 11.80
C ALA B 303 -3.07 -17.22 11.96
N ILE B 304 -2.23 -16.95 10.98
CA ILE B 304 -1.32 -15.79 10.96
C ILE B 304 -2.07 -14.46 11.02
N GLY B 305 -3.14 -14.33 10.30
CA GLY B 305 -4.00 -13.17 10.22
C GLY B 305 -4.70 -12.88 11.51
N LEU B 306 -5.17 -13.85 12.25
CA LEU B 306 -5.86 -13.61 13.55
C LEU B 306 -4.90 -12.86 14.46
N ARG B 307 -3.68 -13.31 14.56
CA ARG B 307 -2.62 -12.73 15.35
C ARG B 307 -2.29 -11.31 14.94
N GLU B 308 -2.20 -11.01 13.66
CA GLU B 308 -1.92 -9.68 13.16
C GLU B 308 -3.06 -8.73 13.49
N ALA B 309 -4.28 -9.18 13.52
CA ALA B 309 -5.50 -8.47 13.81
C ALA B 309 -5.40 -7.92 15.23
N MET B 310 -4.64 -8.55 16.10
CA MET B 310 -4.47 -8.13 17.49
C MET B 310 -3.50 -6.97 17.75
N GLN B 311 -2.77 -6.42 16.83
CA GLN B 311 -1.85 -5.30 17.04
C GLN B 311 -2.72 -4.06 17.19
N TYR B 312 -2.68 -3.35 18.30
CA TYR B 312 -3.48 -2.16 18.57
C TYR B 312 -3.42 -1.19 17.41
N GLU B 313 -2.24 -0.87 16.94
CA GLU B 313 -2.02 0.08 15.85
C GLU B 313 -2.73 -0.35 14.57
N TYR B 314 -2.81 -1.62 14.25
CA TYR B 314 -3.54 -2.10 13.08
C TYR B 314 -5.02 -1.67 13.19
N ILE B 315 -5.71 -2.13 14.22
CA ILE B 315 -7.13 -1.88 14.39
C ILE B 315 -7.48 -0.44 14.68
N GLU B 316 -6.65 0.33 15.29
CA GLU B 316 -6.94 1.76 15.55
C GLU B 316 -6.95 2.47 14.19
N HIS B 317 -5.96 2.10 13.37
CA HIS B 317 -5.80 2.61 12.00
C HIS B 317 -6.99 2.27 11.09
N ARG B 318 -7.39 1.02 11.17
CA ARG B 318 -8.53 0.48 10.44
C ARG B 318 -9.80 1.30 10.70
N VAL B 319 -10.23 1.38 11.95
CA VAL B 319 -11.41 2.09 12.41
C VAL B 319 -11.29 3.59 12.16
N LYS B 320 -10.16 4.18 12.35
CA LYS B 320 -10.01 5.60 12.12
C LYS B 320 -9.97 6.01 10.68
N GLN B 321 -9.61 5.09 9.79
CA GLN B 321 -9.59 5.39 8.34
C GLN B 321 -11.07 5.51 7.91
N VAL B 322 -11.92 4.64 8.44
CA VAL B 322 -13.33 4.70 8.16
C VAL B 322 -13.94 6.03 8.66
N ARG B 323 -13.59 6.41 9.88
CA ARG B 323 -14.00 7.61 10.64
C ARG B 323 -13.52 8.86 9.93
N TYR B 324 -12.34 8.82 9.37
CA TYR B 324 -11.84 9.91 8.55
C TYR B 324 -12.78 10.22 7.35
N LEU B 325 -13.28 9.15 6.72
CA LEU B 325 -14.19 9.31 5.58
C LEU B 325 -15.47 9.99 6.10
N GLY B 326 -16.05 9.46 7.16
CA GLY B 326 -17.23 9.93 7.87
C GLY B 326 -17.17 11.41 8.29
N ASP B 327 -16.10 11.83 8.90
CA ASP B 327 -15.81 13.16 9.38
C ASP B 327 -15.81 14.17 8.24
N LYS B 328 -15.12 13.83 7.17
CA LYS B 328 -15.05 14.73 6.00
C LYS B 328 -16.43 14.88 5.37
N LEU B 329 -17.26 13.85 5.30
CA LEU B 329 -18.60 13.95 4.72
C LEU B 329 -19.44 14.86 5.63
N LYS B 330 -19.50 14.50 6.87
CA LYS B 330 -20.14 15.09 8.04
C LYS B 330 -19.95 16.61 8.06
N ALA B 331 -18.69 16.99 8.15
CA ALA B 331 -18.31 18.38 8.17
C ALA B 331 -18.67 19.13 6.93
N ALA B 332 -19.05 18.48 5.84
CA ALA B 332 -19.41 19.17 4.60
C ALA B 332 -20.93 19.26 4.47
N GLY B 333 -21.63 18.57 5.34
CA GLY B 333 -23.08 18.59 5.40
C GLY B 333 -23.72 17.38 4.75
N VAL B 334 -22.84 16.55 4.19
CA VAL B 334 -23.37 15.35 3.53
C VAL B 334 -24.10 14.52 4.57
N PRO B 335 -25.37 14.23 4.32
CA PRO B 335 -26.19 13.41 5.22
C PRO B 335 -25.70 11.98 5.31
N ILE B 336 -25.15 11.54 6.46
CA ILE B 336 -24.63 10.19 6.68
C ILE B 336 -25.33 9.52 7.84
N VAL B 337 -25.26 8.21 7.96
CA VAL B 337 -25.81 7.41 9.08
C VAL B 337 -24.84 7.59 10.27
N GLU B 338 -25.46 7.65 11.44
CA GLU B 338 -24.66 7.79 12.65
C GLU B 338 -25.03 6.79 13.73
N PRO B 339 -24.03 6.57 14.55
CA PRO B 339 -22.67 7.14 14.40
C PRO B 339 -21.98 6.36 13.27
N VAL B 340 -20.82 6.82 12.82
CA VAL B 340 -20.08 6.10 11.75
C VAL B 340 -19.72 4.73 12.30
N GLY B 341 -19.86 3.65 11.54
CA GLY B 341 -19.51 2.33 12.11
C GLY B 341 -18.01 2.05 11.99
N GLY B 342 -17.69 0.85 12.46
CA GLY B 342 -16.30 0.37 12.41
C GLY B 342 -15.86 -0.02 10.99
N HIS B 343 -16.67 -0.32 9.98
CA HIS B 343 -16.20 -0.72 8.65
C HIS B 343 -16.95 -0.09 7.48
N ALA B 344 -17.90 0.78 7.71
CA ALA B 344 -18.62 1.42 6.61
C ALA B 344 -19.28 2.74 7.06
N VAL B 345 -19.41 3.55 6.04
CA VAL B 345 -20.09 4.83 6.07
C VAL B 345 -21.31 4.68 5.14
N PHE B 346 -22.50 5.07 5.55
CA PHE B 346 -23.70 4.97 4.72
C PHE B 346 -24.24 6.38 4.43
N LEU B 347 -24.41 6.74 3.18
CA LEU B 347 -24.99 8.04 2.85
C LEU B 347 -26.51 7.80 2.89
N ASP B 348 -27.19 8.84 3.27
CA ASP B 348 -28.68 8.84 3.35
C ASP B 348 -29.08 9.30 1.93
N ALA B 349 -29.57 8.33 1.18
CA ALA B 349 -29.92 8.70 -0.21
C ALA B 349 -31.18 9.54 -0.24
N ARG B 350 -32.17 9.19 0.59
CA ARG B 350 -33.42 9.97 0.62
C ARG B 350 -33.09 11.43 0.91
N ARG B 351 -32.37 11.72 1.97
CA ARG B 351 -32.02 13.11 2.30
C ARG B 351 -31.05 13.74 1.34
N PHE B 352 -30.21 12.94 0.73
CA PHE B 352 -29.19 13.40 -0.22
C PHE B 352 -29.89 13.97 -1.46
N CYS B 353 -30.73 13.10 -2.00
CA CYS B 353 -31.53 13.31 -3.21
C CYS B 353 -32.99 13.47 -2.81
N GLU B 354 -33.27 14.64 -2.24
CA GLU B 354 -34.64 14.89 -1.75
C GLU B 354 -35.65 15.12 -2.87
N HIS B 355 -35.10 15.54 -3.98
CA HIS B 355 -35.73 15.80 -5.26
C HIS B 355 -36.26 14.53 -5.92
N LEU B 356 -35.73 13.36 -5.62
CA LEU B 356 -36.17 12.07 -6.16
C LEU B 356 -37.12 11.43 -5.13
N THR B 357 -37.69 10.35 -5.56
CA THR B 357 -38.66 9.54 -4.87
C THR B 357 -38.22 8.12 -4.73
N GLN B 358 -38.59 7.38 -3.74
CA GLN B 358 -38.21 5.94 -3.64
C GLN B 358 -38.27 5.28 -5.01
N ASP B 359 -39.23 5.64 -5.82
CA ASP B 359 -39.64 5.31 -7.16
C ASP B 359 -38.64 5.70 -8.26
N GLU B 360 -38.04 6.85 -8.08
CA GLU B 360 -37.04 7.39 -9.00
C GLU B 360 -35.62 6.92 -8.69
N PHE B 361 -35.49 5.92 -7.88
CA PHE B 361 -34.34 5.19 -7.36
C PHE B 361 -33.14 6.05 -6.99
N PRO B 362 -33.28 6.80 -5.91
CA PRO B 362 -32.22 7.71 -5.47
C PRO B 362 -30.91 7.05 -5.11
N ALA B 363 -30.86 5.94 -4.42
CA ALA B 363 -29.64 5.21 -4.05
C ALA B 363 -28.81 4.74 -5.26
N GLN B 364 -29.42 4.02 -6.17
CA GLN B 364 -28.84 3.48 -7.39
C GLN B 364 -28.29 4.60 -8.27
N SER B 365 -29.02 5.68 -8.32
CA SER B 365 -28.56 6.82 -9.14
C SER B 365 -27.40 7.49 -8.45
N LEU B 366 -27.44 7.49 -7.12
CA LEU B 366 -26.36 8.17 -6.36
C LEU B 366 -25.06 7.38 -6.57
N ALA B 367 -25.23 6.09 -6.37
CA ALA B 367 -24.12 5.12 -6.54
C ALA B 367 -23.60 5.27 -7.94
N ALA B 368 -24.48 5.34 -8.95
CA ALA B 368 -24.02 5.51 -10.35
C ALA B 368 -23.25 6.80 -10.51
N SER B 369 -23.73 7.94 -10.02
CA SER B 369 -23.02 9.22 -10.15
C SER B 369 -21.67 9.22 -9.47
N ILE B 370 -21.60 8.56 -8.32
CA ILE B 370 -20.34 8.46 -7.55
C ILE B 370 -19.27 7.82 -8.45
N TYR B 371 -19.62 6.67 -9.03
CA TYR B 371 -18.72 5.97 -9.93
C TYR B 371 -18.24 6.83 -11.08
N VAL B 372 -19.19 7.46 -11.77
CA VAL B 372 -18.82 8.30 -12.91
C VAL B 372 -17.86 9.39 -12.47
N GLU B 373 -18.19 9.97 -11.32
CA GLU B 373 -17.33 11.08 -10.89
C GLU B 373 -15.97 10.72 -10.37
N THR B 374 -15.83 9.58 -9.71
CA THR B 374 -14.59 9.23 -9.07
C THR B 374 -13.93 7.92 -9.39
N GLY B 375 -14.64 6.98 -9.94
CA GLY B 375 -13.99 5.70 -10.25
C GLY B 375 -14.21 4.81 -9.01
N VAL B 376 -15.06 5.23 -8.10
CA VAL B 376 -15.37 4.47 -6.88
C VAL B 376 -16.69 3.74 -7.04
N ARG B 377 -16.70 2.50 -6.64
CA ARG B 377 -17.86 1.65 -6.61
C ARG B 377 -18.39 1.50 -5.19
N SER B 378 -19.63 1.88 -5.00
CA SER B 378 -20.38 1.73 -3.74
C SER B 378 -21.61 0.91 -4.14
N MET B 379 -22.41 0.42 -3.21
CA MET B 379 -23.61 -0.32 -3.63
C MET B 379 -24.79 0.32 -2.90
N GLU B 380 -25.89 0.41 -3.63
CA GLU B 380 -27.11 0.98 -3.03
C GLU B 380 -27.49 -0.01 -1.95
N ARG B 381 -28.00 0.49 -0.84
CA ARG B 381 -28.39 -0.38 0.27
C ARG B 381 -29.63 0.15 0.99
N GLY B 382 -29.99 -0.67 1.96
CA GLY B 382 -31.12 -0.55 2.88
C GLY B 382 -30.74 -1.29 4.16
N ILE B 383 -30.88 -0.60 5.28
CA ILE B 383 -30.62 -1.08 6.63
C ILE B 383 -31.64 -0.39 7.58
N LYS B 399 -37.42 0.30 6.65
CA LYS B 399 -36.03 0.44 6.24
C LYS B 399 -35.75 1.72 5.44
N LEU B 400 -34.50 2.08 5.61
CA LEU B 400 -33.73 3.22 5.12
C LEU B 400 -33.03 3.01 3.78
N GLU B 401 -33.06 4.02 2.93
CA GLU B 401 -32.44 3.95 1.60
C GLU B 401 -31.14 4.74 1.50
N THR B 402 -30.10 3.90 1.60
CA THR B 402 -28.70 4.33 1.62
C THR B 402 -27.82 3.88 0.48
N VAL B 403 -26.61 4.41 0.47
CA VAL B 403 -25.50 4.05 -0.42
C VAL B 403 -24.40 3.64 0.58
N ARG B 404 -23.91 2.44 0.54
CA ARG B 404 -22.89 1.93 1.43
C ARG B 404 -21.49 1.95 0.85
N LEU B 405 -20.61 2.60 1.56
CA LEU B 405 -19.18 2.73 1.23
C LEU B 405 -18.43 1.79 2.18
N THR B 406 -18.28 0.52 1.82
CA THR B 406 -17.63 -0.46 2.72
C THR B 406 -16.14 -0.52 2.39
N ILE B 407 -15.40 -0.54 3.50
CA ILE B 407 -13.93 -0.50 3.35
C ILE B 407 -13.17 -1.74 3.74
N PRO B 408 -12.47 -2.30 2.76
CA PRO B 408 -11.61 -3.49 2.96
C PRO B 408 -10.39 -3.13 3.84
N ARG B 409 -9.82 -4.14 4.49
CA ARG B 409 -8.68 -3.87 5.36
C ARG B 409 -7.34 -3.83 4.69
N ARG B 410 -6.60 -2.76 4.93
CA ARG B 410 -5.24 -2.50 4.50
C ARG B 410 -5.09 -2.36 3.01
N VAL B 411 -6.17 -2.00 2.32
CA VAL B 411 -6.13 -1.87 0.86
C VAL B 411 -5.95 -0.43 0.38
N TYR B 412 -6.62 0.51 1.05
CA TYR B 412 -6.58 1.90 0.65
C TYR B 412 -5.90 2.78 1.65
N THR B 413 -5.67 4.00 1.15
CA THR B 413 -5.03 5.09 1.90
C THR B 413 -6.01 6.24 2.17
N TYR B 414 -5.55 7.25 2.87
CA TYR B 414 -6.28 8.45 3.24
C TYR B 414 -6.53 9.22 1.95
N ALA B 415 -5.53 9.25 1.08
CA ALA B 415 -5.66 9.91 -0.22
C ALA B 415 -6.80 9.31 -1.04
N HIS B 416 -7.02 8.01 -0.96
CA HIS B 416 -8.07 7.25 -1.55
C HIS B 416 -9.38 7.70 -0.85
N MET B 417 -9.34 7.90 0.47
CA MET B 417 -10.56 8.36 1.20
C MET B 417 -10.97 9.73 0.67
N ASP B 418 -10.01 10.57 0.34
CA ASP B 418 -10.21 11.90 -0.21
C ASP B 418 -10.84 11.86 -1.59
N VAL B 419 -10.37 10.96 -2.42
CA VAL B 419 -10.94 10.82 -3.79
C VAL B 419 -12.44 10.59 -3.57
N VAL B 420 -12.80 9.71 -2.68
CA VAL B 420 -14.17 9.34 -2.35
C VAL B 420 -14.91 10.54 -1.75
N ALA B 421 -14.30 11.17 -0.77
CA ALA B 421 -14.86 12.29 -0.02
C ALA B 421 -15.05 13.46 -0.97
N ASP B 422 -14.04 13.97 -1.62
CA ASP B 422 -14.23 15.10 -2.54
C ASP B 422 -15.29 14.91 -3.63
N GLY B 423 -15.41 13.71 -4.14
CA GLY B 423 -16.32 13.32 -5.18
C GLY B 423 -17.74 13.45 -4.66
N ILE B 424 -17.98 12.86 -3.51
CA ILE B 424 -19.32 12.96 -2.91
C ILE B 424 -19.71 14.38 -2.54
N ILE B 425 -18.77 15.18 -2.07
CA ILE B 425 -19.01 16.58 -1.70
C ILE B 425 -19.33 17.40 -2.94
N LYS B 426 -18.63 17.18 -4.04
CA LYS B 426 -18.97 17.90 -5.26
C LYS B 426 -20.36 17.52 -5.74
N LEU B 427 -20.74 16.26 -5.59
CA LEU B 427 -22.06 15.79 -6.01
C LEU B 427 -23.17 16.36 -5.10
N TYR B 428 -22.77 16.55 -3.86
CA TYR B 428 -23.67 17.04 -2.82
C TYR B 428 -24.07 18.48 -3.07
N GLN B 429 -23.09 19.24 -3.48
CA GLN B 429 -23.19 20.65 -3.83
C GLN B 429 -24.05 20.90 -5.05
N HIS B 430 -24.48 19.87 -5.73
CA HIS B 430 -25.36 19.80 -6.88
C HIS B 430 -26.34 18.65 -6.65
N LYS B 431 -26.67 18.26 -5.44
CA LYS B 431 -27.56 17.09 -5.30
C LYS B 431 -28.64 17.14 -6.38
N GLU B 432 -29.29 18.25 -6.53
CA GLU B 432 -30.34 18.64 -7.44
C GLU B 432 -30.14 18.21 -8.89
N ASP B 433 -28.91 18.12 -9.35
CA ASP B 433 -28.55 17.68 -10.69
C ASP B 433 -28.59 16.16 -10.88
N ILE B 434 -28.77 15.40 -9.82
CA ILE B 434 -28.84 13.94 -9.89
C ILE B 434 -30.17 13.49 -10.49
N ARG B 435 -30.15 12.96 -11.71
CA ARG B 435 -31.38 12.51 -12.39
C ARG B 435 -31.85 11.21 -11.78
N GLY B 436 -33.12 10.95 -11.87
CA GLY B 436 -33.78 9.75 -11.33
C GLY B 436 -33.71 8.66 -12.39
N LEU B 437 -33.96 7.45 -11.96
CA LEU B 437 -33.86 6.31 -12.87
C LEU B 437 -35.19 5.54 -12.82
N LYS B 438 -35.33 4.70 -13.81
CA LYS B 438 -36.46 3.79 -13.97
C LYS B 438 -35.84 2.48 -14.51
N PHE B 439 -36.58 1.43 -14.36
CA PHE B 439 -36.25 0.08 -14.82
C PHE B 439 -36.42 -0.04 -16.35
N ILE B 440 -35.48 -0.69 -17.01
CA ILE B 440 -35.39 -0.99 -18.44
C ILE B 440 -34.64 -2.34 -18.56
N TYR B 441 -34.96 -3.15 -17.59
CA TYR B 441 -34.73 -4.48 -17.10
C TYR B 441 -33.90 -5.47 -17.92
N LEU B 446 -33.29 -12.50 -8.60
CA LEU B 446 -33.66 -11.27 -7.88
C LEU B 446 -33.52 -10.06 -8.82
N ARG B 447 -34.00 -8.94 -8.30
CA ARG B 447 -33.98 -7.68 -9.07
C ARG B 447 -33.02 -6.77 -8.32
N PHE B 448 -31.75 -7.09 -8.47
CA PHE B 448 -30.83 -6.23 -7.66
C PHE B 448 -29.46 -6.20 -8.29
N PHE B 449 -29.13 -7.46 -8.43
CA PHE B 449 -27.83 -7.93 -8.92
C PHE B 449 -27.86 -7.98 -10.43
N THR B 450 -29.06 -7.94 -11.02
CA THR B 450 -29.18 -7.96 -12.49
C THR B 450 -29.94 -6.79 -13.09
N ALA B 451 -30.71 -6.09 -12.29
CA ALA B 451 -31.51 -4.96 -12.75
C ALA B 451 -30.73 -3.99 -13.62
N ARG B 452 -31.39 -3.50 -14.67
CA ARG B 452 -30.76 -2.48 -15.55
C ARG B 452 -31.73 -1.30 -15.54
N PHE B 453 -31.22 -0.11 -15.68
CA PHE B 453 -32.00 1.12 -15.55
C PHE B 453 -31.67 2.08 -16.70
N ASP B 454 -32.49 3.13 -16.70
CA ASP B 454 -32.29 4.22 -17.66
C ASP B 454 -32.71 5.47 -16.86
N TYR B 455 -32.17 6.60 -17.26
CA TYR B 455 -32.52 7.88 -16.62
C TYR B 455 -33.99 8.20 -16.81
N ILE B 456 -34.54 9.08 -16.00
CA ILE B 456 -35.96 9.48 -16.19
C ILE B 456 -35.96 10.84 -16.91
S SO4 C . 23.43 -0.96 -8.87
O1 SO4 C . 22.31 -1.52 -9.70
O2 SO4 C . 23.10 0.36 -8.26
O3 SO4 C . 24.65 -0.87 -9.73
O4 SO4 C . 23.71 -1.97 -7.78
S SO4 D . 6.40 7.17 20.39
O1 SO4 D . 6.90 8.60 20.59
O2 SO4 D . 4.95 6.99 20.77
O3 SO4 D . 7.21 6.25 21.28
O4 SO4 D . 6.59 6.85 18.93
S SO4 E . -18.88 -15.76 4.62
O1 SO4 E . -17.60 -16.24 5.26
O2 SO4 E . -19.96 -16.66 5.22
O3 SO4 E . -18.86 -15.92 3.14
O4 SO4 E . -19.23 -14.35 4.92
S SO4 F . -10.66 12.30 -14.07
O1 SO4 F . -9.46 13.08 -13.54
O2 SO4 F . -10.51 10.88 -13.60
O3 SO4 F . -10.71 12.45 -15.56
O4 SO4 F . -11.93 12.89 -13.46
#